data_7ZQR
#
_entry.id   7ZQR
#
_cell.length_a   136.782
_cell.length_b   69.109
_cell.length_c   144.785
_cell.angle_alpha   90.000
_cell.angle_beta   94.008
_cell.angle_gamma   90.000
#
_symmetry.space_group_name_H-M   'C 1 2 1'
#
loop_
_entity.id
_entity.type
_entity.pdbx_description
1 polymer 'Steroid C26-monooxygenase'
2 non-polymer GLYCEROL
3 non-polymer 'PROTOPORPHYRIN IX CONTAINING FE'
4 non-polymer 4-(4-methoxyphenyl)pyridine
5 non-polymer 'SULFATE ION'
6 non-polymer 'CHLORIDE ION'
7 water water
#
_entity_poly.entity_id   1
_entity_poly.type   'polypeptide(L)'
_entity_poly.pdbx_seq_one_letter_code
;NGPSPNLPPGFDFTDPAIYAERLPVAEFAELRSAAPIWWNGQDPGKGGGFHDGGFWAITKLNDVKEISRHSDVFSSYENG
VIPRFKNDIAREDIEVQRFVMLNMDAPHHTRLRKIISRGFTPRAVGRLHDELQERAQKIAAEAAAAGSGDFVEQVSCELP
LQAIAGLLGVPQEDRGKLFHWSNEMTGNEDPEYAHIDPKASSAELIGYAMKMAEEKAKNPADDIVTQLIQADIDGEKLSD
DEFGFFVVMLAVAGNETTRNSITQGMMAFAEHPDQWELYKKVRPETAADEIVRWATPVTAFQRTALRDYELSGVQIKKGQ
RVVMFYRSANFDEEVFQDPFTFNILRNPNPHVGFGGTGAHYCIGANLARMTINLIFNAVADHMPDLKPISAPERLRSGWL
NGIKHWQVDYTGRCPVAH
;
_entity_poly.pdbx_strand_id   A,B,C
#
# COMPACT_ATOMS: atom_id res chain seq x y z
N PRO A 3 6.36 -25.00 59.17
CA PRO A 3 4.90 -24.85 59.07
C PRO A 3 4.45 -23.98 57.88
N SER A 4 3.21 -24.14 57.43
CA SER A 4 2.71 -23.41 56.28
C SER A 4 2.51 -21.93 56.63
N PRO A 5 2.57 -21.03 55.65
CA PRO A 5 2.43 -19.62 55.97
C PRO A 5 1.01 -19.29 56.37
N ASN A 6 0.89 -18.29 57.26
CA ASN A 6 -0.39 -17.89 57.83
C ASN A 6 -1.08 -16.95 56.84
N LEU A 7 -1.70 -17.54 55.83
CA LEU A 7 -2.43 -16.85 54.78
C LEU A 7 -3.85 -17.40 54.71
N PRO A 8 -4.82 -16.60 54.30
CA PRO A 8 -6.18 -17.14 54.10
C PRO A 8 -6.16 -18.28 53.10
N PRO A 9 -7.01 -19.29 53.28
CA PRO A 9 -7.09 -20.37 52.28
C PRO A 9 -7.32 -19.80 50.88
N GLY A 10 -6.55 -20.27 49.93
CA GLY A 10 -6.77 -19.89 48.54
C GLY A 10 -6.26 -18.52 48.17
N PHE A 11 -5.54 -17.84 49.08
CA PHE A 11 -5.00 -16.53 48.77
C PHE A 11 -4.15 -16.59 47.50
N ASP A 12 -4.38 -15.64 46.61
CA ASP A 12 -3.62 -15.52 45.35
C ASP A 12 -2.95 -14.15 45.32
N PHE A 13 -1.61 -14.13 45.29
CA PHE A 13 -0.90 -12.87 45.29
C PHE A 13 -1.05 -12.08 43.99
N THR A 14 -1.70 -12.64 42.98
CA THR A 14 -2.02 -11.89 41.77
C THR A 14 -3.49 -11.51 41.69
N ASP A 15 -4.24 -11.62 42.78
CA ASP A 15 -5.68 -11.36 42.76
C ASP A 15 -5.93 -9.86 42.61
N PRO A 16 -6.50 -9.40 41.50
CA PRO A 16 -6.69 -7.94 41.33
C PRO A 16 -7.58 -7.35 42.39
N ALA A 17 -8.47 -8.15 42.97
CA ALA A 17 -9.39 -7.64 44.00
C ALA A 17 -8.62 -7.22 45.24
N ILE A 18 -7.45 -7.79 45.48
CA ILE A 18 -6.62 -7.34 46.59
C ILE A 18 -6.08 -5.95 46.30
N TYR A 19 -5.44 -5.77 45.15
CA TYR A 19 -4.77 -4.52 44.83
C TYR A 19 -5.73 -3.37 44.59
N ALA A 20 -6.98 -3.63 44.27
CA ALA A 20 -7.93 -2.51 44.21
C ALA A 20 -8.12 -1.85 45.57
N GLU A 21 -7.84 -2.58 46.66
CA GLU A 21 -7.99 -2.06 48.01
C GLU A 21 -6.68 -1.71 48.68
N ARG A 22 -5.65 -2.52 48.48
CA ARG A 22 -4.44 -2.42 49.30
C ARG A 22 -3.31 -3.17 48.64
N LEU A 23 -2.05 -2.88 49.12
CA LEU A 23 -0.89 -3.74 48.86
C LEU A 23 -0.83 -4.81 49.95
N PRO A 24 -0.66 -6.09 49.62
CA PRO A 24 -0.67 -7.15 50.65
C PRO A 24 0.69 -7.27 51.33
N VAL A 25 1.07 -6.19 52.03
CA VAL A 25 2.41 -6.08 52.61
C VAL A 25 2.63 -7.14 53.69
N ALA A 26 1.65 -7.31 54.58
CA ALA A 26 1.81 -8.29 55.64
C ALA A 26 1.89 -9.71 55.08
N GLU A 27 1.14 -9.98 54.02
CA GLU A 27 1.16 -11.31 53.43
C GLU A 27 2.50 -11.60 52.77
N PHE A 28 3.08 -10.63 52.08
CA PHE A 28 4.42 -10.82 51.53
C PHE A 28 5.43 -11.04 52.64
N ALA A 29 5.33 -10.28 53.74
CA ALA A 29 6.29 -10.44 54.82
C ALA A 29 6.17 -11.81 55.46
N GLU A 30 4.95 -12.36 55.50
CA GLU A 30 4.76 -13.71 56.02
C GLU A 30 5.46 -14.75 55.13
N LEU A 31 5.37 -14.59 53.82
CA LEU A 31 6.09 -15.51 52.93
C LEU A 31 7.60 -15.39 53.13
N ARG A 32 8.11 -14.15 53.20
CA ARG A 32 9.55 -14.00 53.39
C ARG A 32 10.01 -14.70 54.68
N SER A 33 9.20 -14.63 55.72
CA SER A 33 9.56 -15.25 56.99
CA SER A 33 9.59 -15.25 56.98
C SER A 33 9.35 -16.76 56.98
N ALA A 34 8.22 -17.24 56.44
CA ALA A 34 7.84 -18.64 56.62
C ALA A 34 7.90 -19.52 55.40
N ALA A 35 7.93 -18.95 54.19
CA ALA A 35 7.93 -19.74 52.96
C ALA A 35 8.37 -18.85 51.81
N PRO A 36 9.65 -18.50 51.75
CA PRO A 36 10.09 -17.45 50.81
C PRO A 36 9.92 -17.85 49.36
N ILE A 37 9.90 -19.14 49.05
CA ILE A 37 9.44 -19.64 47.76
C ILE A 37 8.26 -20.55 48.05
N TRP A 38 7.09 -20.19 47.53
CA TRP A 38 5.83 -20.77 47.97
C TRP A 38 4.92 -21.02 46.78
N TRP A 39 4.33 -22.21 46.72
CA TRP A 39 3.41 -22.49 45.62
C TRP A 39 2.08 -21.79 45.88
N ASN A 40 1.76 -20.85 44.99
CA ASN A 40 0.49 -20.12 44.85
C ASN A 40 -0.45 -20.92 43.97
N GLY A 41 -1.26 -21.79 44.56
CA GLY A 41 -2.23 -22.53 43.78
C GLY A 41 -3.32 -21.63 43.23
N GLN A 42 -3.82 -21.97 42.04
CA GLN A 42 -4.93 -21.25 41.42
C GLN A 42 -5.98 -22.25 40.98
N ASP A 43 -7.24 -21.96 41.31
CA ASP A 43 -8.34 -22.86 40.96
C ASP A 43 -8.63 -22.82 39.46
N PRO A 44 -9.28 -23.85 38.93
CA PRO A 44 -9.62 -23.88 37.50
C PRO A 44 -10.38 -22.62 37.07
N GLY A 45 -9.93 -22.01 35.98
CA GLY A 45 -10.55 -20.78 35.51
C GLY A 45 -10.22 -19.52 36.29
N LYS A 46 -9.37 -19.58 37.31
CA LYS A 46 -9.07 -18.41 38.12
CA LYS A 46 -9.07 -18.42 38.13
C LYS A 46 -7.59 -18.04 38.03
N GLY A 47 -6.90 -18.47 36.97
CA GLY A 47 -5.49 -18.25 36.79
C GLY A 47 -5.10 -17.00 36.02
N GLY A 48 -6.06 -16.10 35.75
CA GLY A 48 -5.73 -14.87 35.02
C GLY A 48 -5.21 -15.12 33.62
N GLY A 49 -5.69 -16.16 32.94
CA GLY A 49 -5.25 -16.48 31.59
C GLY A 49 -4.27 -17.63 31.49
N PHE A 50 -3.78 -18.12 32.62
CA PHE A 50 -2.87 -19.25 32.64
C PHE A 50 -3.56 -20.41 33.36
N HIS A 51 -3.44 -21.60 32.80
CA HIS A 51 -4.29 -22.73 33.17
C HIS A 51 -3.42 -23.89 33.61
N ASP A 52 -2.48 -23.61 34.52
CA ASP A 52 -1.49 -24.61 34.90
C ASP A 52 -1.51 -24.92 36.39
N GLY A 53 -2.50 -24.45 37.11
CA GLY A 53 -2.67 -24.83 38.49
C GLY A 53 -2.03 -23.89 39.50
N GLY A 54 -1.24 -22.91 39.04
CA GLY A 54 -0.62 -21.96 39.92
C GLY A 54 0.80 -21.67 39.50
N PHE A 55 1.55 -21.06 40.42
CA PHE A 55 2.90 -20.65 40.16
C PHE A 55 3.68 -20.60 41.46
N TRP A 56 4.99 -20.46 41.33
CA TRP A 56 5.85 -20.26 42.49
C TRP A 56 5.96 -18.78 42.78
N ALA A 57 5.55 -18.36 43.98
CA ALA A 57 5.70 -16.98 44.42
C ALA A 57 7.15 -16.78 44.86
N ILE A 58 7.86 -15.82 44.27
CA ILE A 58 9.26 -15.56 44.60
C ILE A 58 9.29 -14.25 45.39
N THR A 59 9.76 -14.31 46.64
CA THR A 59 9.59 -13.16 47.54
C THR A 59 10.88 -12.54 48.00
N LYS A 60 12.03 -13.19 47.79
CA LYS A 60 13.31 -12.69 48.27
C LYS A 60 14.09 -12.04 47.13
N LEU A 61 14.78 -10.95 47.46
CA LEU A 61 15.47 -10.21 46.40
C LEU A 61 16.56 -11.04 45.73
N ASN A 62 17.33 -11.83 46.51
CA ASN A 62 18.37 -12.63 45.87
C ASN A 62 17.80 -13.65 44.89
N ASP A 63 16.61 -14.20 45.19
CA ASP A 63 15.99 -15.14 44.27
C ASP A 63 15.47 -14.44 43.02
N VAL A 64 14.94 -13.22 43.17
CA VAL A 64 14.55 -12.43 42.00
C VAL A 64 15.76 -12.16 41.11
N LYS A 65 16.91 -11.82 41.71
CA LYS A 65 18.10 -11.59 40.92
C LYS A 65 18.57 -12.87 40.24
N GLU A 66 18.54 -14.00 40.95
CA GLU A 66 19.00 -15.24 40.34
C GLU A 66 18.17 -15.61 39.13
N ILE A 67 16.83 -15.55 39.26
CA ILE A 67 15.96 -15.81 38.12
C ILE A 67 16.26 -14.83 37.00
N SER A 68 16.37 -13.54 37.32
CA SER A 68 16.57 -12.54 36.28
C SER A 68 17.90 -12.72 35.53
N ARG A 69 18.95 -13.17 36.23
CA ARG A 69 20.24 -13.39 35.59
C ARG A 69 20.22 -14.63 34.71
N HIS A 70 19.48 -15.67 35.11
CA HIS A 70 19.48 -16.95 34.39
C HIS A 70 18.34 -16.98 33.36
N SER A 71 18.37 -16.04 32.42
CA SER A 71 17.38 -16.00 31.37
CA SER A 71 17.36 -16.02 31.39
C SER A 71 17.49 -17.21 30.44
N ASP A 72 18.63 -17.92 30.45
CA ASP A 72 18.75 -19.13 29.66
C ASP A 72 17.81 -20.24 30.16
N VAL A 73 17.51 -20.23 31.46
CA VAL A 73 16.56 -21.17 32.06
C VAL A 73 15.17 -20.56 32.20
N PHE A 74 15.09 -19.31 32.64
CA PHE A 74 13.82 -18.69 33.00
C PHE A 74 13.39 -17.80 31.86
N SER A 75 12.42 -18.28 31.09
CA SER A 75 12.05 -17.69 29.81
C SER A 75 11.01 -16.58 29.97
N SER A 76 11.19 -15.50 29.21
CA SER A 76 10.12 -14.51 29.10
C SER A 76 9.16 -14.86 27.97
N TYR A 77 9.66 -15.48 26.91
CA TYR A 77 8.86 -15.75 25.73
C TYR A 77 7.77 -16.78 26.00
N GLU A 78 8.06 -17.78 26.82
CA GLU A 78 7.21 -18.98 26.81
C GLU A 78 5.78 -18.66 27.24
N ASN A 79 5.61 -17.84 28.28
CA ASN A 79 4.26 -17.45 28.67
C ASN A 79 4.11 -15.94 28.79
N GLY A 80 5.08 -15.16 28.30
CA GLY A 80 5.05 -13.72 28.55
C GLY A 80 5.45 -13.41 29.96
N VAL A 81 5.63 -12.13 30.29
CA VAL A 81 6.04 -11.77 31.65
C VAL A 81 4.92 -11.21 32.50
N ILE A 82 3.79 -10.85 31.91
CA ILE A 82 2.67 -10.36 32.71
C ILE A 82 1.99 -11.56 33.39
N PRO A 83 1.82 -11.56 34.71
CA PRO A 83 1.33 -12.77 35.38
C PRO A 83 -0.18 -12.82 35.57
N ARG A 84 -0.92 -11.81 35.11
CA ARG A 84 -2.36 -11.84 35.30
C ARG A 84 -3.06 -11.03 34.23
N PHE A 85 -4.01 -11.64 33.53
CA PHE A 85 -4.97 -10.98 32.65
C PHE A 85 -6.37 -11.32 33.13
N LYS A 86 -7.37 -10.84 32.40
CA LYS A 86 -8.73 -11.32 32.63
C LYS A 86 -8.75 -12.83 32.51
N ASN A 87 -9.54 -13.50 33.37
CA ASN A 87 -9.50 -14.96 33.42
C ASN A 87 -9.87 -15.61 32.09
N ASP A 88 -10.64 -14.93 31.23
CA ASP A 88 -11.07 -15.51 29.97
C ASP A 88 -10.26 -15.07 28.76
N ILE A 89 -9.07 -14.47 28.96
CA ILE A 89 -8.28 -14.04 27.82
C ILE A 89 -7.92 -15.24 26.95
N ALA A 90 -8.04 -15.06 25.64
CA ALA A 90 -7.64 -16.10 24.70
C ALA A 90 -6.13 -16.25 24.70
N ARG A 91 -5.67 -17.51 24.67
CA ARG A 91 -4.24 -17.76 24.62
C ARG A 91 -3.56 -16.99 23.49
N GLU A 92 -4.22 -16.87 22.32
CA GLU A 92 -3.61 -16.15 21.21
C GLU A 92 -3.33 -14.70 21.57
N ASP A 93 -4.17 -14.10 22.42
CA ASP A 93 -3.93 -12.72 22.83
C ASP A 93 -2.80 -12.59 23.84
N ILE A 94 -2.49 -13.64 24.60
CA ILE A 94 -1.25 -13.63 25.38
C ILE A 94 -0.04 -13.70 24.46
N GLU A 95 -0.09 -14.59 23.45
CA GLU A 95 1.09 -14.83 22.61
C GLU A 95 1.38 -13.67 21.69
N VAL A 96 0.37 -12.84 21.40
CA VAL A 96 0.65 -11.74 20.50
C VAL A 96 1.60 -10.75 21.17
N GLN A 97 1.75 -10.84 22.50
CA GLN A 97 2.69 -9.98 23.20
C GLN A 97 4.14 -10.41 23.02
N ARG A 98 4.39 -11.57 22.41
CA ARG A 98 5.76 -11.94 22.07
C ARG A 98 6.37 -11.06 20.99
N PHE A 99 5.58 -10.17 20.39
CA PHE A 99 6.13 -9.31 19.36
C PHE A 99 6.89 -8.11 19.92
N VAL A 100 6.90 -7.90 21.23
CA VAL A 100 7.70 -6.84 21.84
C VAL A 100 8.89 -7.45 22.59
N MET A 101 9.97 -6.67 22.65
CA MET A 101 11.24 -7.12 23.21
CA MET A 101 11.23 -7.18 23.18
C MET A 101 11.09 -7.72 24.60
N LEU A 102 10.18 -7.16 25.38
CA LEU A 102 10.03 -7.57 26.78
C LEU A 102 9.68 -9.06 26.89
N ASN A 103 9.03 -9.61 25.88
CA ASN A 103 8.55 -10.99 25.90
C ASN A 103 9.28 -11.88 24.89
N MET A 104 10.54 -11.56 24.61
CA MET A 104 11.39 -12.35 23.74
C MET A 104 12.54 -12.95 24.53
N ASP A 105 12.99 -14.11 24.08
CA ASP A 105 14.22 -14.73 24.56
C ASP A 105 15.35 -14.52 23.54
N ALA A 106 16.57 -14.73 24.00
CA ALA A 106 17.71 -14.78 23.09
C ALA A 106 17.52 -15.93 22.12
N PRO A 107 18.00 -15.80 20.87
CA PRO A 107 18.76 -14.67 20.31
C PRO A 107 17.92 -13.52 19.78
N HIS A 108 16.60 -13.69 19.59
CA HIS A 108 15.81 -12.60 19.04
C HIS A 108 15.87 -11.37 19.94
N HIS A 109 15.74 -11.57 21.25
CA HIS A 109 15.86 -10.46 22.19
C HIS A 109 17.21 -9.77 22.07
N THR A 110 18.28 -10.55 21.92
CA THR A 110 19.62 -9.98 21.87
C THR A 110 19.75 -9.01 20.71
N ARG A 111 19.31 -9.43 19.52
CA ARG A 111 19.36 -8.57 18.35
C ARG A 111 18.54 -7.30 18.55
N LEU A 112 17.30 -7.44 19.04
CA LEU A 112 16.44 -6.26 19.20
C LEU A 112 17.01 -5.28 20.21
N ARG A 113 17.46 -5.80 21.35
CA ARG A 113 17.96 -4.91 22.38
C ARG A 113 19.18 -4.15 21.89
N LYS A 114 20.07 -4.83 21.16
CA LYS A 114 21.23 -4.16 20.59
C LYS A 114 20.80 -3.01 19.69
N ILE A 115 19.80 -3.24 18.84
CA ILE A 115 19.33 -2.16 17.97
C ILE A 115 18.69 -1.05 18.79
N ILE A 116 17.79 -1.42 19.70
CA ILE A 116 17.01 -0.44 20.48
CA ILE A 116 17.02 -0.38 20.40
C ILE A 116 17.93 0.46 21.29
N SER A 117 19.12 -0.05 21.65
N SER A 117 19.01 -0.11 21.80
CA SER A 117 20.09 0.62 22.52
CA SER A 117 20.01 0.63 22.58
C SER A 117 21.13 1.47 21.79
C SER A 117 20.24 2.02 21.99
N ARG A 118 21.37 1.27 20.49
N ARG A 118 20.24 2.11 20.65
CA ARG A 118 22.28 2.18 19.83
CA ARG A 118 20.47 3.38 19.97
C ARG A 118 21.62 3.53 19.54
C ARG A 118 19.51 4.46 20.45
N GLY A 119 20.31 3.65 19.75
N GLY A 119 18.31 4.06 20.86
CA GLY A 119 19.63 4.92 19.67
CA GLY A 119 17.32 5.01 21.29
C GLY A 119 19.11 5.39 21.02
C GLY A 119 17.46 5.47 22.71
N PHE A 120 18.94 4.46 21.94
N PHE A 120 18.29 4.79 23.51
CA PHE A 120 18.46 4.73 23.29
CA PHE A 120 18.36 5.00 24.94
C PHE A 120 19.67 4.72 24.23
C PHE A 120 19.78 5.27 25.40
N THR A 121 20.36 5.88 24.29
N THR A 121 20.62 5.70 24.47
CA THR A 121 21.67 6.03 24.90
CA THR A 121 21.96 6.13 24.80
C THR A 121 21.64 7.08 26.02
C THR A 121 21.79 7.20 25.87
N PRO A 122 22.72 7.26 26.80
CA PRO A 122 22.77 8.40 27.73
C PRO A 122 22.65 9.74 27.03
N ARG A 123 23.34 9.89 25.89
CA ARG A 123 23.27 11.15 25.16
C ARG A 123 21.84 11.43 24.71
N ALA A 124 21.14 10.42 24.18
CA ALA A 124 19.78 10.65 23.68
C ALA A 124 18.84 11.04 24.81
N VAL A 125 18.96 10.37 25.95
CA VAL A 125 18.10 10.68 27.07
C VAL A 125 18.48 12.04 27.65
N GLY A 126 19.78 12.32 27.75
CA GLY A 126 20.20 13.60 28.29
C GLY A 126 19.76 14.78 27.45
N ARG A 127 19.61 14.58 26.15
CA ARG A 127 19.15 15.64 25.27
C ARG A 127 17.72 16.07 25.58
N LEU A 128 16.95 15.25 26.29
CA LEU A 128 15.59 15.61 26.70
C LEU A 128 15.55 16.38 28.00
N HIS A 129 16.70 16.55 28.68
CA HIS A 129 16.69 17.13 30.03
C HIS A 129 16.05 18.51 30.06
N ASP A 130 16.51 19.42 29.20
CA ASP A 130 16.09 20.80 29.35
C ASP A 130 14.62 20.99 29.02
N GLU A 131 14.13 20.30 27.98
CA GLU A 131 12.72 20.40 27.63
C GLU A 131 11.83 19.76 28.70
N LEU A 132 12.27 18.63 29.26
CA LEU A 132 11.46 18.01 30.31
C LEU A 132 11.50 18.83 31.59
N GLN A 133 12.61 19.48 31.87
CA GLN A 133 12.66 20.38 33.01
C GLN A 133 11.69 21.55 32.83
N GLU A 134 11.68 22.16 31.65
CA GLU A 134 10.76 23.25 31.39
C GLU A 134 9.32 22.79 31.53
N ARG A 135 9.03 21.60 31.02
CA ARG A 135 7.67 21.06 31.08
C ARG A 135 7.24 20.74 32.50
N ALA A 136 8.16 20.19 33.31
CA ALA A 136 7.85 19.89 34.70
C ALA A 136 7.49 21.15 35.47
N GLN A 137 8.27 22.23 35.28
CA GLN A 137 7.96 23.49 35.96
C GLN A 137 6.59 24.01 35.55
N LYS A 138 6.26 23.88 34.27
CA LYS A 138 4.96 24.36 33.79
C LYS A 138 3.83 23.51 34.36
N ILE A 139 4.00 22.20 34.38
CA ILE A 139 3.00 21.31 34.97
C ILE A 139 2.72 21.71 36.41
N ALA A 140 3.78 21.89 37.20
CA ALA A 140 3.58 22.16 38.62
C ALA A 140 2.98 23.54 38.83
N ALA A 141 3.42 24.53 38.05
CA ALA A 141 2.86 25.87 38.20
C ALA A 141 1.38 25.88 37.87
N GLU A 142 0.97 25.15 36.82
CA GLU A 142 -0.43 25.13 36.43
C GLU A 142 -1.28 24.41 37.46
N ALA A 143 -0.76 23.31 38.04
CA ALA A 143 -1.51 22.64 39.10
C ALA A 143 -1.65 23.54 40.33
N ALA A 144 -0.56 24.22 40.72
CA ALA A 144 -0.65 25.08 41.89
C ALA A 144 -1.66 26.20 41.67
N ALA A 145 -1.76 26.70 40.44
CA ALA A 145 -2.72 27.74 40.12
C ALA A 145 -4.16 27.27 40.28
N ALA A 146 -4.41 25.96 40.10
CA ALA A 146 -5.76 25.42 40.25
C ALA A 146 -6.19 25.32 41.70
N GLY A 147 -5.24 25.38 42.65
CA GLY A 147 -5.57 25.41 44.06
C GLY A 147 -5.66 24.02 44.67
N SER A 148 -6.54 23.20 44.14
CA SER A 148 -6.63 21.81 44.57
C SER A 148 -7.13 21.00 43.40
N GLY A 149 -6.98 19.69 43.50
CA GLY A 149 -7.38 18.83 42.41
C GLY A 149 -6.78 17.46 42.56
N ASP A 150 -6.86 16.71 41.46
CA ASP A 150 -6.42 15.32 41.42
C ASP A 150 -4.93 15.31 41.07
N PHE A 151 -4.08 15.04 42.07
CA PHE A 151 -2.64 15.04 41.88
C PHE A 151 -2.21 14.07 40.78
N VAL A 152 -2.89 12.92 40.65
CA VAL A 152 -2.54 11.97 39.60
C VAL A 152 -2.66 12.63 38.24
N GLU A 153 -3.77 13.35 38.02
CA GLU A 153 -4.06 13.87 36.70
C GLU A 153 -3.35 15.18 36.44
N GLN A 154 -3.19 16.01 37.46
CA GLN A 154 -2.64 17.34 37.25
C GLN A 154 -1.15 17.41 37.47
N VAL A 155 -0.53 16.44 38.15
CA VAL A 155 0.92 16.46 38.40
C VAL A 155 1.59 15.23 37.82
N SER A 156 1.07 14.03 38.10
CA SER A 156 1.82 12.80 37.79
C SER A 156 1.72 12.41 36.32
N CYS A 157 0.65 12.80 35.66
CA CYS A 157 0.29 12.16 34.38
CA CYS A 157 0.29 12.17 34.39
C CYS A 157 1.14 12.67 33.21
N GLU A 158 1.37 13.98 33.13
CA GLU A 158 1.82 14.51 31.85
C GLU A 158 3.30 14.27 31.56
N LEU A 159 4.21 14.43 32.53
CA LEU A 159 5.62 14.39 32.16
C LEU A 159 6.07 13.05 31.58
N PRO A 160 5.64 11.89 32.09
CA PRO A 160 6.09 10.64 31.44
C PRO A 160 5.66 10.57 29.99
N LEU A 161 4.46 11.05 29.69
CA LEU A 161 3.97 11.08 28.30
C LEU A 161 4.80 12.04 27.45
N GLN A 162 5.12 13.23 27.98
CA GLN A 162 5.96 14.14 27.21
C GLN A 162 7.36 13.57 26.98
N ALA A 163 7.87 12.78 27.93
CA ALA A 163 9.16 12.12 27.74
C ALA A 163 9.11 11.12 26.58
N ILE A 164 8.02 10.33 26.49
CA ILE A 164 7.84 9.43 25.34
C ILE A 164 7.82 10.23 24.04
N ALA A 165 7.05 11.32 24.03
CA ALA A 165 6.89 12.11 22.82
C ALA A 165 8.22 12.73 22.41
N GLY A 166 8.99 13.21 23.38
CA GLY A 166 10.25 13.83 23.04
C GLY A 166 11.26 12.83 22.55
N LEU A 167 11.29 11.65 23.17
CA LEU A 167 12.24 10.63 22.72
C LEU A 167 11.94 10.23 21.29
N LEU A 168 10.65 10.10 20.96
CA LEU A 168 10.31 9.66 19.61
C LEU A 168 10.25 10.80 18.60
N GLY A 169 10.31 12.04 19.04
CA GLY A 169 10.16 13.16 18.13
C GLY A 169 8.76 13.29 17.58
N VAL A 170 7.76 13.06 18.44
CA VAL A 170 6.37 13.15 18.03
C VAL A 170 5.99 14.63 18.01
N PRO A 171 5.62 15.18 16.85
CA PRO A 171 5.25 16.60 16.79
C PRO A 171 4.10 16.92 17.72
N GLN A 172 4.05 18.17 18.16
CA GLN A 172 3.13 18.58 19.22
C GLN A 172 1.68 18.32 18.83
N GLU A 173 1.33 18.52 17.56
CA GLU A 173 -0.04 18.29 17.12
C GLU A 173 -0.44 16.82 17.19
N ASP A 174 0.51 15.90 17.29
CA ASP A 174 0.20 14.48 17.39
C ASP A 174 0.23 13.95 18.82
N ARG A 175 0.66 14.76 19.78
CA ARG A 175 0.86 14.21 21.11
C ARG A 175 -0.45 13.86 21.79
N GLY A 176 -1.53 14.60 21.51
CA GLY A 176 -2.82 14.24 22.06
C GLY A 176 -3.22 12.81 21.70
N LYS A 177 -3.12 12.46 20.42
CA LYS A 177 -3.52 11.11 20.03
C LYS A 177 -2.53 10.08 20.56
N LEU A 178 -1.24 10.39 20.60
CA LEU A 178 -0.26 9.46 21.17
C LEU A 178 -0.56 9.18 22.65
N PHE A 179 -0.91 10.22 23.40
CA PHE A 179 -1.21 10.05 24.82
C PHE A 179 -2.48 9.21 25.01
N HIS A 180 -3.48 9.44 24.16
CA HIS A 180 -4.69 8.64 24.24
C HIS A 180 -4.39 7.18 23.99
N TRP A 181 -3.67 6.88 22.90
CA TRP A 181 -3.31 5.48 22.65
C TRP A 181 -2.59 4.88 23.85
N SER A 182 -1.63 5.61 24.42
CA SER A 182 -0.87 5.05 25.53
C SER A 182 -1.77 4.84 26.75
N ASN A 183 -2.67 5.79 27.04
CA ASN A 183 -3.60 5.63 28.14
C ASN A 183 -4.57 4.46 27.95
N GLU A 184 -4.85 4.03 26.70
CA GLU A 184 -5.76 2.92 26.46
C GLU A 184 -5.14 1.54 26.65
N MET A 185 -3.89 1.44 27.08
CA MET A 185 -3.31 0.11 27.08
CA MET A 185 -3.18 0.16 27.12
C MET A 185 -3.24 -0.54 28.45
N THR A 186 -3.53 0.20 29.53
CA THR A 186 -3.43 -0.26 30.92
C THR A 186 -4.76 -0.15 31.66
N GLY A 187 -5.07 -1.16 32.49
CA GLY A 187 -6.08 -1.03 33.52
C GLY A 187 -7.43 -1.66 33.21
N ASN A 188 -7.52 -2.52 32.18
CA ASN A 188 -8.81 -2.92 31.66
C ASN A 188 -9.61 -3.81 32.61
N GLU A 189 -9.00 -4.32 33.69
CA GLU A 189 -9.75 -5.08 34.68
C GLU A 189 -10.39 -4.19 35.74
N ASP A 190 -10.09 -2.88 35.73
CA ASP A 190 -10.71 -1.92 36.65
C ASP A 190 -12.01 -1.40 36.04
N PRO A 191 -13.10 -1.33 36.80
CA PRO A 191 -14.39 -0.89 36.23
C PRO A 191 -14.31 0.49 35.59
N GLU A 192 -13.41 1.35 36.07
CA GLU A 192 -13.28 2.68 35.50
C GLU A 192 -12.76 2.61 34.06
N TYR A 193 -12.02 1.56 33.72
CA TYR A 193 -11.46 1.41 32.38
C TYR A 193 -12.03 0.20 31.66
N ALA A 194 -13.23 -0.22 32.04
CA ALA A 194 -13.82 -1.42 31.45
C ALA A 194 -14.00 -1.28 29.95
N HIS A 195 -14.05 -0.05 29.44
CA HIS A 195 -14.28 0.18 28.03
C HIS A 195 -13.02 0.44 27.21
N ILE A 196 -11.83 0.44 27.82
CA ILE A 196 -10.66 0.62 26.96
C ILE A 196 -10.44 -0.62 26.10
N ASP A 197 -9.70 -0.42 25.00
CA ASP A 197 -9.47 -1.47 24.00
C ASP A 197 -7.98 -1.45 23.67
N PRO A 198 -7.16 -2.15 24.46
CA PRO A 198 -5.71 -2.14 24.19
C PRO A 198 -5.38 -2.72 22.82
N LYS A 199 -6.15 -3.70 22.37
CA LYS A 199 -5.89 -4.29 21.05
C LYS A 199 -6.08 -3.27 19.94
N ALA A 200 -7.17 -2.51 19.99
CA ALA A 200 -7.41 -1.51 18.94
C ALA A 200 -6.41 -0.37 19.03
N SER A 201 -6.04 0.02 20.26
CA SER A 201 -5.04 1.05 20.42
CA SER A 201 -5.04 1.05 20.45
C SER A 201 -3.69 0.61 19.88
N SER A 202 -3.28 -0.62 20.19
CA SER A 202 -1.99 -1.09 19.70
CA SER A 202 -2.00 -1.12 19.70
C SER A 202 -1.98 -1.10 18.17
N ALA A 203 -3.10 -1.52 17.55
CA ALA A 203 -3.18 -1.54 16.10
C ALA A 203 -3.07 -0.15 15.52
N GLU A 204 -3.75 0.82 16.12
CA GLU A 204 -3.65 2.19 15.63
C GLU A 204 -2.25 2.74 15.81
N LEU A 205 -1.63 2.42 16.94
CA LEU A 205 -0.26 2.85 17.21
C LEU A 205 0.71 2.27 16.19
N ILE A 206 0.59 0.97 15.89
CA ILE A 206 1.44 0.40 14.86
C ILE A 206 1.27 1.13 13.54
N GLY A 207 0.01 1.37 13.12
CA GLY A 207 -0.21 2.09 11.88
C GLY A 207 0.42 3.47 11.90
N TYR A 208 0.27 4.18 13.02
CA TYR A 208 0.89 5.50 13.15
C TYR A 208 2.40 5.39 13.10
N ALA A 209 2.95 4.41 13.81
CA ALA A 209 4.40 4.30 13.94
C ALA A 209 5.03 3.86 12.63
N MET A 210 4.37 2.98 11.88
CA MET A 210 4.96 2.64 10.57
C MET A 210 4.91 3.80 9.60
N LYS A 211 3.87 4.63 9.63
CA LYS A 211 3.92 5.86 8.84
C LYS A 211 5.09 6.74 9.25
N MET A 212 5.35 6.83 10.55
CA MET A 212 6.45 7.67 11.01
C MET A 212 7.78 7.13 10.53
N ALA A 213 7.97 5.81 10.61
CA ALA A 213 9.22 5.20 10.13
C ALA A 213 9.45 5.53 8.65
N GLU A 214 8.40 5.40 7.85
CA GLU A 214 8.54 5.69 6.42
C GLU A 214 8.85 7.16 6.19
N GLU A 215 8.27 8.05 6.99
CA GLU A 215 8.55 9.48 6.84
C GLU A 215 9.97 9.84 7.28
N LYS A 216 10.41 9.32 8.44
CA LYS A 216 11.70 9.74 8.99
C LYS A 216 12.89 9.12 8.26
N ALA A 217 12.66 8.10 7.44
CA ALA A 217 13.75 7.56 6.63
C ALA A 217 14.06 8.51 5.48
N LYS A 218 13.08 9.31 5.07
CA LYS A 218 13.32 10.36 4.09
C LYS A 218 14.03 11.56 4.71
N ASN A 219 13.63 11.94 5.92
CA ASN A 219 14.09 13.16 6.60
C ASN A 219 14.58 12.83 7.99
N PRO A 220 15.83 12.40 8.14
CA PRO A 220 16.37 12.13 9.48
C PRO A 220 16.25 13.35 10.40
N ALA A 221 15.86 13.09 11.65
CA ALA A 221 15.59 14.16 12.61
C ALA A 221 16.32 13.89 13.92
N ASP A 222 16.37 14.93 14.77
CA ASP A 222 17.11 14.89 16.04
C ASP A 222 16.39 14.03 17.07
N ASP A 223 16.28 12.75 16.73
CA ASP A 223 15.61 11.80 17.62
C ASP A 223 16.26 10.43 17.48
N ILE A 224 15.69 9.47 18.21
CA ILE A 224 16.22 8.13 18.18
C ILE A 224 15.72 7.33 16.98
N VAL A 225 14.68 7.80 16.30
CA VAL A 225 14.05 7.01 15.25
C VAL A 225 15.01 6.78 14.10
N THR A 226 15.75 7.83 13.70
CA THR A 226 16.72 7.69 12.63
C THR A 226 17.73 6.60 12.94
N GLN A 227 18.24 6.60 14.17
CA GLN A 227 19.18 5.57 14.56
C GLN A 227 18.55 4.18 14.54
N LEU A 228 17.26 4.06 14.89
CA LEU A 228 16.65 2.73 14.98
C LEU A 228 16.45 2.08 13.61
N ILE A 229 16.13 2.88 12.59
CA ILE A 229 15.78 2.34 11.27
C ILE A 229 16.90 2.52 10.26
N GLN A 230 18.06 3.02 10.67
CA GLN A 230 19.23 3.13 9.80
C GLN A 230 20.07 1.87 9.88
N ALA A 231 20.40 1.29 8.73
CA ALA A 231 21.20 0.07 8.72
C ALA A 231 22.62 0.35 9.22
N ASP A 232 23.17 -0.60 9.99
CA ASP A 232 24.56 -0.51 10.42
C ASP A 232 25.46 -1.23 9.42
N ILE A 233 26.72 -1.48 9.79
CA ILE A 233 27.68 -2.13 8.88
C ILE A 233 27.15 -3.48 8.43
N ASP A 234 26.54 -4.23 9.35
CA ASP A 234 25.99 -5.54 9.05
C ASP A 234 24.51 -5.49 8.66
N GLY A 235 24.00 -4.31 8.31
CA GLY A 235 22.64 -4.16 7.83
C GLY A 235 21.56 -4.33 8.88
N GLU A 236 21.91 -4.22 10.16
CA GLU A 236 20.94 -4.41 11.23
C GLU A 236 20.16 -3.13 11.48
N LYS A 237 18.85 -3.26 11.68
CA LYS A 237 17.96 -2.12 11.84
C LYS A 237 16.57 -2.69 12.11
N LEU A 238 15.73 -1.88 12.75
CA LEU A 238 14.32 -2.22 12.87
C LEU A 238 13.63 -2.10 11.51
N SER A 239 12.92 -3.15 11.11
CA SER A 239 11.98 -3.02 10.01
C SER A 239 10.87 -2.07 10.42
N ASP A 240 10.07 -1.62 9.45
CA ASP A 240 9.02 -0.66 9.82
C ASP A 240 8.05 -1.27 10.83
N ASP A 241 7.68 -2.54 10.65
CA ASP A 241 6.77 -3.17 11.61
C ASP A 241 7.44 -3.40 12.96
N GLU A 242 8.74 -3.71 12.98
CA GLU A 242 9.44 -3.80 14.26
C GLU A 242 9.46 -2.45 14.97
N PHE A 243 9.63 -1.36 14.21
CA PHE A 243 9.51 -0.03 14.81
C PHE A 243 8.12 0.17 15.39
N GLY A 244 7.11 -0.28 14.65
CA GLY A 244 5.76 -0.27 15.18
C GLY A 244 5.64 -0.95 16.52
N PHE A 245 6.19 -2.16 16.64
CA PHE A 245 6.11 -2.88 17.91
C PHE A 245 6.93 -2.21 19.00
N PHE A 246 8.04 -1.58 18.62
CA PHE A 246 8.80 -0.81 19.61
C PHE A 246 7.99 0.37 20.13
N VAL A 247 7.30 1.07 19.23
CA VAL A 247 6.52 2.22 19.68
C VAL A 247 5.39 1.77 20.60
N VAL A 248 4.72 0.65 20.27
CA VAL A 248 3.75 0.07 21.20
C VAL A 248 4.40 -0.17 22.55
N MET A 249 5.56 -0.80 22.54
CA MET A 249 6.24 -1.10 23.79
CA MET A 249 6.26 -1.09 23.78
C MET A 249 6.58 0.19 24.56
N LEU A 250 7.04 1.22 23.85
CA LEU A 250 7.38 2.48 24.51
C LEU A 250 6.14 3.18 25.05
N ALA A 251 5.06 3.22 24.25
CA ALA A 251 3.82 3.85 24.69
C ALA A 251 3.29 3.18 25.95
N VAL A 252 3.45 1.87 26.04
CA VAL A 252 2.97 1.08 27.17
C VAL A 252 3.88 1.27 28.37
N ALA A 253 5.17 1.03 28.15
CA ALA A 253 6.10 0.98 29.25
C ALA A 253 6.42 2.35 29.80
N GLY A 254 6.35 3.37 28.97
CA GLY A 254 6.89 4.65 29.38
C GLY A 254 5.92 5.52 30.13
N ASN A 255 4.70 5.03 30.38
CA ASN A 255 3.64 5.91 30.83
C ASN A 255 3.26 5.66 32.29
N GLU A 256 2.42 4.64 32.56
CA GLU A 256 1.77 4.64 33.86
C GLU A 256 2.70 4.16 34.99
N THR A 257 3.75 3.38 34.70
CA THR A 257 4.66 3.04 35.81
C THR A 257 5.38 4.30 36.32
N THR A 258 5.82 5.20 35.44
CA THR A 258 6.44 6.42 35.96
C THR A 258 5.40 7.29 36.64
N ARG A 259 4.20 7.40 36.05
CA ARG A 259 3.14 8.15 36.71
CA ARG A 259 3.12 8.14 36.69
C ARG A 259 2.89 7.64 38.12
N ASN A 260 2.82 6.32 38.28
CA ASN A 260 2.51 5.79 39.60
C ASN A 260 3.68 5.92 40.56
N SER A 261 4.92 5.92 40.06
CA SER A 261 6.07 6.27 40.90
CA SER A 261 6.02 6.23 40.96
C SER A 261 5.88 7.67 41.48
N ILE A 262 5.48 8.61 40.63
CA ILE A 262 5.31 9.98 41.09
C ILE A 262 4.21 10.07 42.14
N THR A 263 3.03 9.50 41.84
CA THR A 263 1.94 9.59 42.79
C THR A 263 2.33 8.95 44.12
N GLN A 264 2.96 7.78 44.07
CA GLN A 264 3.28 7.11 45.32
C GLN A 264 4.48 7.72 46.03
N GLY A 265 5.41 8.31 45.30
CA GLY A 265 6.45 9.10 45.95
C GLY A 265 5.88 10.25 46.74
N MET A 266 4.86 10.93 46.20
CA MET A 266 4.28 12.06 46.91
C MET A 266 3.40 11.59 48.05
N MET A 267 2.76 10.42 47.90
CA MET A 267 2.15 9.79 49.06
C MET A 267 3.15 9.50 50.15
N ALA A 268 4.32 8.97 49.78
CA ALA A 268 5.35 8.70 50.78
C ALA A 268 5.78 9.98 51.46
N PHE A 269 5.91 11.06 50.70
CA PHE A 269 6.32 12.34 51.33
C PHE A 269 5.25 12.85 52.27
N ALA A 270 3.97 12.71 51.89
CA ALA A 270 2.90 13.13 52.78
C ALA A 270 2.92 12.37 54.08
N GLU A 271 3.34 11.10 54.03
CA GLU A 271 3.39 10.24 55.22
C GLU A 271 4.67 10.44 56.02
N HIS A 272 5.70 11.05 55.44
CA HIS A 272 7.00 11.21 56.08
C HIS A 272 7.44 12.65 55.94
N PRO A 273 6.85 13.55 56.70
CA PRO A 273 7.17 14.98 56.55
C PRO A 273 8.65 15.32 56.70
N ASP A 274 9.40 14.61 57.56
CA ASP A 274 10.82 14.92 57.71
C ASP A 274 11.57 14.68 56.41
N GLN A 275 11.20 13.62 55.69
CA GLN A 275 11.80 13.36 54.38
C GLN A 275 11.41 14.44 53.37
N TRP A 276 10.18 14.94 53.43
CA TRP A 276 9.78 16.03 52.53
C TRP A 276 10.56 17.30 52.83
N GLU A 277 10.64 17.66 54.12
CA GLU A 277 11.46 18.80 54.49
C GLU A 277 12.89 18.63 53.97
N LEU A 278 13.47 17.44 54.15
CA LEU A 278 14.83 17.24 53.71
C LEU A 278 14.92 17.29 52.19
N TYR A 279 13.91 16.73 51.50
CA TYR A 279 13.94 16.78 50.04
C TYR A 279 13.95 18.22 49.54
N LYS A 280 13.06 19.05 50.08
CA LYS A 280 12.95 20.43 49.61
C LYS A 280 14.27 21.18 49.78
N LYS A 281 15.00 20.91 50.86
CA LYS A 281 16.26 21.59 51.16
C LYS A 281 17.40 21.15 50.25
N VAL A 282 17.58 19.84 50.09
CA VAL A 282 18.76 19.27 49.42
C VAL A 282 18.45 18.82 47.99
N ARG A 283 17.19 18.51 47.68
CA ARG A 283 16.80 17.98 46.38
C ARG A 283 17.65 16.78 45.96
N PRO A 284 17.83 15.78 46.82
CA PRO A 284 18.78 14.69 46.52
C PRO A 284 18.23 13.76 45.44
N GLU A 285 19.03 13.48 44.42
CA GLU A 285 18.56 12.61 43.33
C GLU A 285 18.49 11.14 43.72
N THR A 286 19.11 10.77 44.84
CA THR A 286 18.84 9.47 45.45
C THR A 286 17.37 9.28 45.76
N ALA A 287 16.62 10.38 45.90
CA ALA A 287 15.17 10.28 46.13
C ALA A 287 14.48 9.46 45.05
N ALA A 288 14.89 9.60 43.78
CA ALA A 288 14.16 8.91 42.72
C ALA A 288 14.19 7.40 42.92
N ASP A 289 15.33 6.85 43.32
CA ASP A 289 15.43 5.42 43.52
C ASP A 289 14.66 4.96 44.75
N GLU A 290 14.67 5.76 45.84
CA GLU A 290 13.86 5.38 46.99
C GLU A 290 12.38 5.46 46.68
N ILE A 291 12.01 6.41 45.81
CA ILE A 291 10.62 6.51 45.39
C ILE A 291 10.23 5.28 44.56
N VAL A 292 11.11 4.83 43.66
CA VAL A 292 10.79 3.65 42.87
C VAL A 292 10.76 2.41 43.75
N ARG A 293 11.67 2.31 44.71
CA ARG A 293 11.60 1.18 45.63
C ARG A 293 10.29 1.18 46.40
N TRP A 294 9.91 2.35 46.93
CA TRP A 294 8.71 2.46 47.74
C TRP A 294 7.46 2.21 46.89
N ALA A 295 7.45 2.76 45.67
CA ALA A 295 6.29 2.66 44.80
C ALA A 295 6.16 1.31 44.11
N THR A 296 7.28 0.63 43.85
CA THR A 296 7.36 -0.62 43.07
C THR A 296 6.21 -0.70 42.07
N PRO A 297 6.24 0.13 41.01
CA PRO A 297 5.06 0.27 40.14
C PRO A 297 4.69 -1.04 39.45
N VAL A 298 5.67 -1.87 39.12
CA VAL A 298 5.41 -3.24 38.68
C VAL A 298 5.52 -4.13 39.90
N THR A 299 4.38 -4.59 40.40
CA THR A 299 4.38 -5.49 41.55
C THR A 299 5.11 -6.78 41.20
N ALA A 300 4.91 -7.28 39.99
CA ALA A 300 5.45 -8.60 39.67
C ALA A 300 5.52 -8.80 38.17
N PHE A 301 6.57 -9.51 37.74
CA PHE A 301 6.68 -10.11 36.41
C PHE A 301 7.05 -11.57 36.60
N GLN A 302 6.65 -12.41 35.64
CA GLN A 302 6.90 -13.85 35.74
C GLN A 302 7.91 -14.31 34.70
N ARG A 303 8.39 -15.55 34.88
CA ARG A 303 9.15 -16.30 33.89
C ARG A 303 8.62 -17.72 33.90
N THR A 304 9.03 -18.50 32.90
CA THR A 304 8.67 -19.91 32.81
C THR A 304 9.94 -20.72 32.73
N ALA A 305 10.06 -21.77 33.56
CA ALA A 305 11.26 -22.60 33.52
C ALA A 305 11.28 -23.43 32.26
N LEU A 306 12.40 -23.39 31.54
CA LEU A 306 12.62 -24.21 30.37
C LEU A 306 13.23 -25.55 30.70
N ARG A 307 13.64 -25.74 31.96
CA ARG A 307 14.18 -27.01 32.43
C ARG A 307 14.00 -27.01 33.94
N ASP A 308 14.02 -28.20 34.53
CA ASP A 308 14.10 -28.30 35.98
C ASP A 308 15.27 -27.47 36.49
N TYR A 309 15.05 -26.76 37.59
CA TYR A 309 16.06 -25.89 38.16
C TYR A 309 15.83 -25.82 39.66
N GLU A 310 16.89 -26.01 40.45
CA GLU A 310 16.80 -25.89 41.89
C GLU A 310 17.13 -24.47 42.34
N LEU A 311 16.18 -23.82 43.00
CA LEU A 311 16.30 -22.42 43.41
C LEU A 311 16.14 -22.34 44.92
N SER A 312 17.22 -22.01 45.63
CA SER A 312 17.17 -21.88 47.09
C SER A 312 16.47 -23.07 47.73
N GLY A 313 16.89 -24.27 47.33
CA GLY A 313 16.37 -25.50 47.91
C GLY A 313 15.05 -25.99 47.36
N VAL A 314 14.39 -25.25 46.47
CA VAL A 314 13.09 -25.62 45.93
C VAL A 314 13.30 -26.13 44.51
N GLN A 315 12.73 -27.29 44.20
CA GLN A 315 12.85 -27.81 42.84
C GLN A 315 11.78 -27.16 41.98
N ILE A 316 12.19 -26.25 41.09
CA ILE A 316 11.28 -25.75 40.06
C ILE A 316 11.25 -26.77 38.93
N LYS A 317 10.05 -27.09 38.45
CA LYS A 317 9.94 -28.09 37.39
C LYS A 317 9.77 -27.41 36.03
N LYS A 318 10.32 -28.07 35.01
CA LYS A 318 10.18 -27.58 33.64
C LYS A 318 8.73 -27.26 33.35
N GLY A 319 8.50 -26.08 32.78
CA GLY A 319 7.17 -25.65 32.41
C GLY A 319 6.45 -24.82 33.46
N GLN A 320 6.90 -24.83 34.70
CA GLN A 320 6.23 -24.08 35.77
C GLN A 320 6.58 -22.59 35.66
N ARG A 321 5.64 -21.77 36.08
CA ARG A 321 5.88 -20.33 36.16
C ARG A 321 6.45 -19.99 37.53
N VAL A 322 7.36 -19.00 37.52
CA VAL A 322 7.81 -18.34 38.74
C VAL A 322 7.42 -16.88 38.63
N VAL A 323 6.86 -16.34 39.70
CA VAL A 323 6.42 -14.94 39.68
C VAL A 323 7.31 -14.16 40.63
N MET A 324 8.05 -13.21 40.08
CA MET A 324 8.93 -12.35 40.85
C MET A 324 8.20 -11.21 41.46
N PHE A 325 7.98 -11.28 42.78
CA PHE A 325 7.23 -10.20 43.45
C PHE A 325 8.22 -9.11 43.86
N TYR A 326 8.46 -8.18 42.93
CA TYR A 326 9.32 -7.03 43.24
C TYR A 326 8.84 -6.29 44.48
N ARG A 327 7.53 -6.24 44.70
CA ARG A 327 6.99 -5.57 45.88
C ARG A 327 7.46 -6.23 47.18
N SER A 328 7.67 -7.53 47.16
CA SER A 328 8.26 -8.21 48.31
C SER A 328 9.77 -8.01 48.37
N ALA A 329 10.46 -8.24 47.25
CA ALA A 329 11.91 -8.17 47.24
C ALA A 329 12.42 -6.79 47.63
N ASN A 330 11.68 -5.73 47.30
CA ASN A 330 12.12 -4.37 47.59
C ASN A 330 11.97 -4.00 49.05
N PHE A 331 11.40 -4.92 49.85
CA PHE A 331 11.31 -4.76 51.29
C PHE A 331 11.98 -5.92 52.02
N ASP A 332 12.97 -6.54 51.36
CA ASP A 332 13.65 -7.71 51.90
C ASP A 332 14.62 -7.30 53.01
N GLU A 333 14.33 -7.76 54.24
CA GLU A 333 15.12 -7.41 55.41
C GLU A 333 16.57 -7.90 55.31
N GLU A 334 16.87 -8.90 54.48
CA GLU A 334 18.26 -9.34 54.35
C GLU A 334 19.09 -8.42 53.48
N VAL A 335 18.47 -7.60 52.66
CA VAL A 335 19.16 -6.73 51.72
C VAL A 335 19.14 -5.28 52.18
N PHE A 336 18.01 -4.81 52.68
CA PHE A 336 17.86 -3.42 53.02
C PHE A 336 17.93 -3.23 54.53
N GLN A 337 18.61 -2.17 54.92
CA GLN A 337 18.62 -1.71 56.31
C GLN A 337 17.33 -0.94 56.55
N ASP A 338 16.44 -1.50 57.38
CA ASP A 338 15.19 -0.84 57.71
C ASP A 338 14.37 -0.65 56.43
N PRO A 339 13.92 -1.72 55.77
CA PRO A 339 13.20 -1.54 54.51
C PRO A 339 11.93 -0.74 54.64
N PHE A 340 11.29 -0.74 55.81
CA PHE A 340 10.03 -0.02 55.93
C PHE A 340 10.24 1.42 56.39
N THR A 341 11.47 1.90 56.39
CA THR A 341 11.79 3.31 56.53
C THR A 341 11.94 3.93 55.14
N PHE A 342 11.18 4.98 54.88
CA PHE A 342 11.33 5.76 53.65
C PHE A 342 12.54 6.67 53.82
N ASN A 343 13.62 6.42 53.09
CA ASN A 343 14.88 7.17 53.28
C ASN A 343 15.37 7.66 51.93
N ILE A 344 15.16 8.93 51.62
CA ILE A 344 15.51 9.44 50.29
C ILE A 344 17.02 9.56 50.08
N LEU A 345 17.84 9.33 51.10
CA LEU A 345 19.29 9.30 50.95
C LEU A 345 19.85 7.90 50.85
N ARG A 346 19.00 6.87 50.86
CA ARG A 346 19.47 5.49 50.79
C ARG A 346 20.44 5.31 49.63
N ASN A 347 21.64 4.80 49.95
CA ASN A 347 22.75 4.74 49.00
C ASN A 347 23.82 3.77 49.51
N PRO A 348 24.07 2.64 48.83
CA PRO A 348 23.46 2.25 47.57
C PRO A 348 22.04 1.77 47.77
N ASN A 349 21.25 1.75 46.71
CA ASN A 349 19.84 1.35 46.79
C ASN A 349 19.61 0.26 45.76
N PRO A 350 19.92 -0.98 46.10
CA PRO A 350 19.89 -2.10 45.13
C PRO A 350 18.49 -2.64 44.91
N HIS A 351 17.52 -1.75 44.73
CA HIS A 351 16.15 -2.20 44.55
C HIS A 351 15.96 -2.85 43.18
N VAL A 352 14.90 -3.64 43.06
CA VAL A 352 14.54 -4.34 41.83
C VAL A 352 13.26 -3.76 41.24
N GLY A 353 13.00 -2.48 41.51
CA GLY A 353 11.85 -1.84 40.88
C GLY A 353 11.94 -1.82 39.37
N PHE A 354 13.17 -1.80 38.83
CA PHE A 354 13.38 -1.85 37.38
C PHE A 354 13.75 -3.25 36.92
N GLY A 355 13.47 -4.23 37.77
CA GLY A 355 13.77 -5.62 37.50
C GLY A 355 15.08 -6.04 38.14
N GLY A 356 15.35 -7.33 38.05
CA GLY A 356 16.67 -7.82 38.41
C GLY A 356 17.66 -7.56 37.30
N THR A 357 18.91 -7.33 37.67
CA THR A 357 19.94 -7.16 36.67
C THR A 357 19.93 -8.37 35.74
N GLY A 358 20.19 -8.14 34.47
CA GLY A 358 20.13 -9.21 33.49
C GLY A 358 19.69 -8.67 32.15
N ALA A 359 19.41 -9.61 31.24
CA ALA A 359 19.17 -9.25 29.84
C ALA A 359 18.00 -8.28 29.68
N HIS A 360 16.98 -8.34 30.55
CA HIS A 360 15.77 -7.56 30.35
C HIS A 360 15.68 -6.35 31.28
N TYR A 361 16.80 -5.94 31.88
CA TYR A 361 16.77 -4.82 32.82
C TYR A 361 16.22 -3.57 32.15
N CYS A 362 15.37 -2.85 32.88
CA CYS A 362 14.62 -1.74 32.28
C CYS A 362 15.53 -0.81 31.50
N ILE A 363 15.26 -0.66 30.20
CA ILE A 363 16.07 0.25 29.40
CA ILE A 363 16.07 0.24 29.41
C ILE A 363 15.70 1.69 29.67
N GLY A 364 14.54 1.95 30.23
CA GLY A 364 14.11 3.30 30.54
C GLY A 364 14.44 3.75 31.95
N ALA A 365 15.31 3.03 32.67
CA ALA A 365 15.48 3.30 34.10
C ALA A 365 15.98 4.73 34.33
N ASN A 366 16.99 5.15 33.57
CA ASN A 366 17.55 6.48 33.80
C ASN A 366 16.61 7.57 33.28
N LEU A 367 15.88 7.32 32.19
CA LEU A 367 14.84 8.27 31.78
C LEU A 367 13.77 8.41 32.86
N ALA A 368 13.35 7.29 33.45
CA ALA A 368 12.39 7.32 34.54
C ALA A 368 12.90 8.13 35.72
N ARG A 369 14.13 7.83 36.16
CA ARG A 369 14.70 8.56 37.28
C ARG A 369 14.78 10.06 36.98
N MET A 370 15.17 10.42 35.75
CA MET A 370 15.19 11.83 35.38
C MET A 370 13.81 12.45 35.46
N THR A 371 12.81 11.77 34.89
CA THR A 371 11.46 12.30 34.96
C THR A 371 11.04 12.54 36.41
N ILE A 372 11.35 11.57 37.27
CA ILE A 372 10.96 11.69 38.68
C ILE A 372 11.67 12.86 39.34
N ASN A 373 13.00 12.99 39.15
CA ASN A 373 13.73 14.06 39.81
C ASN A 373 13.25 15.43 39.31
N LEU A 374 12.93 15.53 38.02
CA LEU A 374 12.51 16.82 37.50
C LEU A 374 11.13 17.21 38.04
N ILE A 375 10.19 16.26 38.09
CA ILE A 375 8.86 16.63 38.56
C ILE A 375 8.88 16.92 40.06
N PHE A 376 9.67 16.20 40.85
CA PHE A 376 9.65 16.52 42.28
C PHE A 376 10.37 17.83 42.59
N ASN A 377 11.41 18.18 41.82
CA ASN A 377 11.92 19.55 41.96
C ASN A 377 10.85 20.57 41.65
N ALA A 378 10.04 20.34 40.60
CA ALA A 378 9.01 21.31 40.25
C ALA A 378 7.92 21.36 41.32
N VAL A 379 7.57 20.20 41.90
CA VAL A 379 6.59 20.19 42.97
C VAL A 379 7.12 20.95 44.18
N ALA A 380 8.38 20.73 44.53
CA ALA A 380 8.97 21.46 45.66
C ALA A 380 9.03 22.95 45.39
N ASP A 381 9.24 23.34 44.12
CA ASP A 381 9.31 24.76 43.77
C ASP A 381 7.94 25.43 43.84
N HIS A 382 6.89 24.76 43.35
CA HIS A 382 5.62 25.45 43.14
C HIS A 382 4.55 25.10 44.15
N MET A 383 4.63 23.96 44.80
CA MET A 383 3.62 23.61 45.78
CA MET A 383 3.62 23.58 45.77
C MET A 383 4.28 22.95 46.99
N PRO A 384 5.27 23.60 47.61
CA PRO A 384 5.99 22.93 48.71
C PRO A 384 5.11 22.54 49.89
N ASP A 385 3.93 23.15 50.01
CA ASP A 385 3.09 22.96 51.20
C ASP A 385 1.86 22.10 50.91
N LEU A 386 1.85 21.39 49.80
CA LEU A 386 0.70 20.55 49.47
CA LEU A 386 0.71 20.54 49.47
C LEU A 386 0.42 19.55 50.60
N LYS A 387 -0.87 19.25 50.77
CA LYS A 387 -1.35 18.33 51.78
C LYS A 387 -2.48 17.51 51.18
N PRO A 388 -2.48 16.19 51.39
CA PRO A 388 -3.57 15.36 50.88
C PRO A 388 -4.92 15.79 51.44
N ILE A 389 -5.95 15.64 50.62
CA ILE A 389 -7.32 15.91 51.05
C ILE A 389 -8.07 14.62 51.38
N SER A 390 -7.90 13.57 50.59
CA SER A 390 -8.59 12.31 50.84
C SER A 390 -7.75 11.16 50.33
N ALA A 391 -8.15 9.95 50.70
CA ALA A 391 -7.35 8.76 50.44
C ALA A 391 -7.22 8.48 48.94
N PRO A 392 -6.08 7.92 48.52
CA PRO A 392 -5.91 7.54 47.11
C PRO A 392 -6.91 6.46 46.69
N GLU A 393 -7.27 6.46 45.42
CA GLU A 393 -8.06 5.36 44.83
C GLU A 393 -7.11 4.45 44.07
N ARG A 394 -7.04 3.20 44.49
CA ARG A 394 -6.10 2.27 43.86
C ARG A 394 -6.72 1.58 42.65
N LEU A 395 -5.83 1.14 41.77
CA LEU A 395 -6.18 0.45 40.52
C LEU A 395 -6.40 -1.05 40.74
N ARG A 396 -7.48 -1.59 40.17
CA ARG A 396 -7.73 -3.04 40.19
C ARG A 396 -6.85 -3.67 39.13
N SER A 397 -5.74 -4.26 39.55
CA SER A 397 -4.81 -4.94 38.66
C SER A 397 -4.13 -6.04 39.46
N GLY A 398 -3.86 -7.17 38.81
CA GLY A 398 -3.17 -8.22 39.53
C GLY A 398 -1.65 -8.09 39.53
N TRP A 399 -1.09 -7.10 38.84
CA TRP A 399 0.37 -7.05 38.77
C TRP A 399 0.94 -5.63 38.66
N LEU A 400 0.09 -4.64 38.37
CA LEU A 400 0.51 -3.23 38.40
C LEU A 400 0.03 -2.63 39.70
N ASN A 401 0.85 -1.79 40.30
CA ASN A 401 0.47 -1.06 41.51
C ASN A 401 0.13 0.36 41.08
N GLY A 402 -1.16 0.66 40.91
CA GLY A 402 -1.58 1.91 40.32
C GLY A 402 -2.42 2.74 41.28
N ILE A 403 -2.34 4.06 41.12
CA ILE A 403 -3.20 4.98 41.83
C ILE A 403 -4.00 5.75 40.77
N LYS A 404 -5.31 5.57 40.77
CA LYS A 404 -6.13 6.23 39.75
C LYS A 404 -6.35 7.71 40.05
N HIS A 405 -6.56 8.04 41.33
CA HIS A 405 -7.00 9.38 41.72
C HIS A 405 -6.49 9.65 43.13
N TRP A 406 -6.15 10.92 43.39
CA TRP A 406 -5.71 11.34 44.71
C TRP A 406 -5.95 12.84 44.83
N GLN A 407 -6.94 13.23 45.64
CA GLN A 407 -7.29 14.64 45.78
C GLN A 407 -6.33 15.30 46.76
N VAL A 408 -5.75 16.44 46.36
CA VAL A 408 -4.80 17.13 47.21
CA VAL A 408 -4.73 17.13 47.13
C VAL A 408 -5.05 18.62 47.13
N ASP A 409 -4.69 19.30 48.23
CA ASP A 409 -4.72 20.74 48.31
CA ASP A 409 -4.71 20.75 48.31
C ASP A 409 -3.30 21.26 48.03
N TYR A 410 -3.11 21.83 46.85
CA TYR A 410 -1.76 22.26 46.46
C TYR A 410 -1.26 23.42 47.29
N THR A 411 -2.16 24.29 47.73
CA THR A 411 -1.79 25.47 48.51
C THR A 411 -1.63 25.18 50.00
N GLY A 412 -2.05 24.00 50.45
CA GLY A 412 -1.85 23.59 51.82
C GLY A 412 -2.65 24.36 52.86
N ARG A 413 -3.55 25.24 52.45
CA ARG A 413 -4.29 26.02 53.45
C ARG A 413 -5.74 25.57 53.57
N SER B 4 -18.71 22.08 -13.57
CA SER B 4 -18.59 20.78 -14.23
C SER B 4 -17.21 20.18 -13.99
N PRO B 5 -17.15 18.86 -13.79
CA PRO B 5 -15.87 18.23 -13.43
C PRO B 5 -14.91 18.22 -14.62
N ASN B 6 -13.62 18.15 -14.29
CA ASN B 6 -12.54 18.25 -15.28
C ASN B 6 -12.28 16.87 -15.91
N LEU B 7 -13.19 16.47 -16.82
CA LEU B 7 -13.16 15.20 -17.52
C LEU B 7 -13.12 15.43 -19.03
N PRO B 8 -12.53 14.52 -19.79
CA PRO B 8 -12.61 14.61 -21.27
C PRO B 8 -14.05 14.59 -21.73
N PRO B 9 -14.42 15.33 -22.77
CA PRO B 9 -15.80 15.28 -23.25
C PRO B 9 -16.25 13.87 -23.55
N GLY B 10 -17.48 13.55 -23.10
CA GLY B 10 -18.12 12.28 -23.37
C GLY B 10 -17.68 11.13 -22.51
N PHE B 11 -16.79 11.37 -21.55
CA PHE B 11 -16.28 10.32 -20.67
C PHE B 11 -17.42 9.52 -20.05
N ASP B 12 -17.24 8.21 -19.96
CA ASP B 12 -18.28 7.30 -19.48
C ASP B 12 -17.65 6.32 -18.50
N PHE B 13 -18.03 6.44 -17.23
CA PHE B 13 -17.40 5.62 -16.20
C PHE B 13 -17.78 4.15 -16.28
N THR B 14 -18.72 3.77 -17.15
CA THR B 14 -19.01 2.36 -17.40
C THR B 14 -18.37 1.81 -18.67
N ASP B 15 -17.47 2.57 -19.31
CA ASP B 15 -16.82 2.14 -20.55
C ASP B 15 -15.95 0.92 -20.28
N PRO B 16 -16.25 -0.25 -20.84
CA PRO B 16 -15.40 -1.43 -20.58
C PRO B 16 -13.97 -1.27 -21.08
N ALA B 17 -13.73 -0.39 -22.07
CA ALA B 17 -12.39 -0.15 -22.57
C ALA B 17 -11.51 0.50 -21.51
N ILE B 18 -12.10 1.29 -20.61
CA ILE B 18 -11.34 1.84 -19.48
C ILE B 18 -10.81 0.70 -18.62
N TYR B 19 -11.69 -0.18 -18.15
CA TYR B 19 -11.28 -1.16 -17.15
C TYR B 19 -10.42 -2.26 -17.75
N ALA B 20 -10.45 -2.43 -19.08
CA ALA B 20 -9.48 -3.34 -19.68
C ALA B 20 -8.05 -2.81 -19.53
N GLU B 21 -7.88 -1.53 -19.21
CA GLU B 21 -6.57 -0.90 -19.05
C GLU B 21 -6.24 -0.54 -17.62
N ARG B 22 -7.21 -0.04 -16.85
CA ARG B 22 -6.89 0.64 -15.61
C ARG B 22 -8.16 0.85 -14.81
N LEU B 23 -7.99 1.06 -13.52
CA LEU B 23 -9.08 1.64 -12.75
C LEU B 23 -8.97 3.16 -12.82
N PRO B 24 -10.05 3.87 -13.15
CA PRO B 24 -10.00 5.33 -13.36
C PRO B 24 -10.03 6.09 -12.04
N VAL B 25 -9.00 5.85 -11.23
CA VAL B 25 -8.93 6.35 -9.86
C VAL B 25 -8.96 7.88 -9.86
N ALA B 26 -8.12 8.48 -10.70
CA ALA B 26 -8.05 9.93 -10.72
C ALA B 26 -9.36 10.56 -11.20
N GLU B 27 -10.06 9.91 -12.14
CA GLU B 27 -11.31 10.46 -12.63
C GLU B 27 -12.40 10.38 -11.56
N PHE B 28 -12.43 9.27 -10.80
CA PHE B 28 -13.35 9.20 -9.66
C PHE B 28 -13.00 10.26 -8.63
N ALA B 29 -11.70 10.48 -8.40
CA ALA B 29 -11.29 11.49 -7.43
C ALA B 29 -11.75 12.87 -7.85
N GLU B 30 -11.75 13.15 -9.15
CA GLU B 30 -12.24 14.43 -9.64
C GLU B 30 -13.74 14.56 -9.43
N LEU B 31 -14.52 13.47 -9.63
CA LEU B 31 -15.95 13.55 -9.36
C LEU B 31 -16.22 13.80 -7.88
N ARG B 32 -15.57 13.04 -6.98
CA ARG B 32 -15.77 13.29 -5.54
C ARG B 32 -15.47 14.73 -5.19
N SER B 33 -14.46 15.32 -5.83
CA SER B 33 -14.06 16.69 -5.53
C SER B 33 -15.00 17.72 -6.14
N ALA B 34 -15.37 17.55 -7.42
CA ALA B 34 -16.01 18.63 -8.15
C ALA B 34 -17.47 18.40 -8.47
N ALA B 35 -17.94 17.16 -8.51
CA ALA B 35 -19.33 16.85 -8.84
C ALA B 35 -19.66 15.44 -8.33
N PRO B 36 -19.89 15.29 -7.02
CA PRO B 36 -19.97 13.92 -6.46
C PRO B 36 -21.21 13.15 -6.89
N ILE B 37 -22.24 13.82 -7.38
CA ILE B 37 -23.32 13.19 -8.12
C ILE B 37 -23.36 13.88 -9.47
N TRP B 38 -23.06 13.14 -10.54
CA TRP B 38 -22.80 13.74 -11.84
C TRP B 38 -23.54 12.98 -12.93
N TRP B 39 -24.20 13.71 -13.83
CA TRP B 39 -24.91 13.07 -14.93
C TRP B 39 -23.88 12.55 -15.95
N ASN B 40 -23.81 11.23 -16.08
CA ASN B 40 -22.96 10.53 -17.04
C ASN B 40 -23.79 10.30 -18.30
N GLY B 41 -23.76 11.27 -19.20
CA GLY B 41 -24.49 11.11 -20.46
C GLY B 41 -23.93 10.00 -21.31
N GLN B 42 -24.82 9.34 -22.06
CA GLN B 42 -24.43 8.23 -22.94
C GLN B 42 -25.12 8.41 -24.30
N ASP B 43 -24.32 8.38 -25.36
CA ASP B 43 -24.88 8.59 -26.69
C ASP B 43 -25.81 7.44 -27.08
N PRO B 44 -26.71 7.65 -28.04
CA PRO B 44 -27.57 6.56 -28.50
C PRO B 44 -26.74 5.38 -28.98
N GLY B 45 -27.12 4.18 -28.53
CA GLY B 45 -26.39 2.98 -28.86
C GLY B 45 -25.11 2.76 -28.08
N LYS B 46 -24.79 3.60 -27.10
CA LYS B 46 -23.59 3.40 -26.29
C LYS B 46 -23.92 3.37 -24.80
N GLY B 47 -25.08 2.82 -24.46
CA GLY B 47 -25.48 2.76 -23.06
C GLY B 47 -25.32 1.39 -22.43
N GLY B 48 -24.49 0.53 -23.03
CA GLY B 48 -24.32 -0.81 -22.50
C GLY B 48 -25.60 -1.60 -22.38
N GLY B 49 -26.57 -1.36 -23.27
CA GLY B 49 -27.82 -2.07 -23.25
C GLY B 49 -28.99 -1.29 -22.72
N PHE B 50 -28.73 -0.12 -22.13
CA PHE B 50 -29.77 0.76 -21.63
C PHE B 50 -29.89 1.97 -22.55
N HIS B 51 -31.13 2.38 -22.83
CA HIS B 51 -31.40 3.36 -23.86
C HIS B 51 -32.12 4.56 -23.29
N ASP B 52 -31.56 5.15 -22.24
CA ASP B 52 -32.19 6.25 -21.53
C ASP B 52 -31.36 7.52 -21.54
N GLY B 53 -30.20 7.53 -22.19
CA GLY B 53 -29.40 8.72 -22.30
C GLY B 53 -28.29 8.85 -21.28
N GLY B 54 -28.25 7.98 -20.28
CA GLY B 54 -27.17 7.98 -19.32
C GLY B 54 -27.71 7.72 -17.93
N PHE B 55 -26.88 8.05 -16.93
CA PHE B 55 -27.19 7.72 -15.54
C PHE B 55 -26.52 8.73 -14.61
N TRP B 56 -26.93 8.71 -13.35
CA TRP B 56 -26.28 9.49 -12.31
C TRP B 56 -25.12 8.69 -11.73
N ALA B 57 -23.91 9.22 -11.87
CA ALA B 57 -22.73 8.59 -11.24
C ALA B 57 -22.71 8.96 -9.76
N ILE B 58 -22.72 7.95 -8.91
CA ILE B 58 -22.71 8.13 -7.46
C ILE B 58 -21.32 7.78 -6.96
N THR B 59 -20.62 8.76 -6.39
CA THR B 59 -19.21 8.56 -6.06
C THR B 59 -18.88 8.62 -4.58
N LYS B 60 -19.79 9.09 -3.74
CA LYS B 60 -19.53 9.27 -2.31
C LYS B 60 -20.14 8.12 -1.51
N LEU B 61 -19.41 7.64 -0.49
CA LEU B 61 -19.84 6.46 0.24
C LEU B 61 -21.21 6.67 0.89
N ASN B 62 -21.45 7.84 1.47
CA ASN B 62 -22.71 7.98 2.20
C ASN B 62 -23.89 7.97 1.24
N ASP B 63 -23.70 8.44 0.00
CA ASP B 63 -24.75 8.38 -1.02
C ASP B 63 -25.01 6.95 -1.47
N VAL B 64 -23.94 6.16 -1.58
CA VAL B 64 -24.07 4.73 -1.84
C VAL B 64 -24.91 4.08 -0.74
N LYS B 65 -24.63 4.40 0.51
CA LYS B 65 -25.36 3.81 1.62
C LYS B 65 -26.82 4.23 1.60
N GLU B 66 -27.08 5.51 1.31
CA GLU B 66 -28.46 5.99 1.30
C GLU B 66 -29.28 5.31 0.21
N ILE B 67 -28.70 5.15 -0.98
CA ILE B 67 -29.41 4.44 -2.04
C ILE B 67 -29.65 2.99 -1.66
N SER B 68 -28.64 2.34 -1.07
CA SER B 68 -28.78 0.93 -0.70
C SER B 68 -29.80 0.72 0.40
N ARG B 69 -29.93 1.71 1.29
CA ARG B 69 -30.88 1.58 2.39
C ARG B 69 -32.31 1.75 1.91
N HIS B 70 -32.52 2.62 0.93
CA HIS B 70 -33.87 2.98 0.47
C HIS B 70 -34.24 2.16 -0.76
N SER B 71 -34.23 0.84 -0.59
CA SER B 71 -34.61 -0.05 -1.68
C SER B 71 -36.09 0.08 -2.04
N ASP B 72 -36.93 0.54 -1.11
CA ASP B 72 -38.30 0.91 -1.44
C ASP B 72 -38.36 1.95 -2.55
N VAL B 73 -37.31 2.76 -2.73
CA VAL B 73 -37.29 3.81 -3.73
C VAL B 73 -36.35 3.49 -4.88
N PHE B 74 -35.18 2.90 -4.60
CA PHE B 74 -34.18 2.63 -5.62
C PHE B 74 -34.22 1.14 -5.96
N SER B 75 -34.85 0.84 -7.09
CA SER B 75 -35.22 -0.52 -7.44
C SER B 75 -34.06 -1.28 -8.09
N SER B 76 -33.90 -2.53 -7.69
CA SER B 76 -33.00 -3.46 -8.37
C SER B 76 -33.69 -4.18 -9.52
N TYR B 77 -34.99 -4.40 -9.40
CA TYR B 77 -35.72 -5.18 -10.40
C TYR B 77 -35.88 -4.39 -11.71
N GLU B 78 -36.15 -3.09 -11.62
CA GLU B 78 -36.57 -2.35 -12.81
C GLU B 78 -35.63 -2.55 -13.98
N ASN B 79 -34.33 -2.34 -13.75
CA ASN B 79 -33.35 -2.43 -14.82
C ASN B 79 -32.23 -3.42 -14.52
N GLY B 80 -32.38 -4.23 -13.48
CA GLY B 80 -31.27 -5.03 -13.02
C GLY B 80 -30.26 -4.16 -12.32
N VAL B 81 -29.26 -4.79 -11.70
CA VAL B 81 -28.20 -4.04 -11.02
C VAL B 81 -26.92 -3.95 -11.83
N ILE B 82 -26.75 -4.77 -12.87
CA ILE B 82 -25.54 -4.68 -13.68
C ILE B 82 -25.67 -3.46 -14.59
N PRO B 83 -24.72 -2.53 -14.55
CA PRO B 83 -24.86 -1.29 -15.31
C PRO B 83 -24.28 -1.32 -16.72
N ARG B 84 -23.69 -2.43 -17.16
CA ARG B 84 -23.13 -2.47 -18.51
C ARG B 84 -23.15 -3.89 -19.07
N PHE B 85 -23.75 -4.04 -20.24
CA PHE B 85 -23.63 -5.23 -21.09
C PHE B 85 -23.07 -4.78 -22.46
N LYS B 86 -22.99 -5.72 -23.41
CA LYS B 86 -22.82 -5.33 -24.81
C LYS B 86 -23.87 -4.31 -25.21
N ASN B 87 -23.45 -3.31 -26.00
CA ASN B 87 -24.35 -2.24 -26.40
C ASN B 87 -25.59 -2.74 -27.13
N ASP B 88 -25.49 -3.89 -27.79
CA ASP B 88 -26.59 -4.48 -28.56
C ASP B 88 -27.35 -5.59 -27.83
N ILE B 89 -27.16 -5.75 -26.51
CA ILE B 89 -27.91 -6.77 -25.78
C ILE B 89 -29.41 -6.53 -25.90
N ALA B 90 -30.16 -7.61 -26.07
CA ALA B 90 -31.62 -7.52 -26.13
C ALA B 90 -32.19 -7.34 -24.73
N ARG B 91 -33.25 -6.55 -24.64
CA ARG B 91 -33.88 -6.29 -23.35
C ARG B 91 -34.24 -7.58 -22.63
N GLU B 92 -34.76 -8.56 -23.37
CA GLU B 92 -35.12 -9.84 -22.75
C GLU B 92 -33.93 -10.49 -22.08
N ASP B 93 -32.72 -10.31 -22.64
CA ASP B 93 -31.54 -10.88 -22.03
C ASP B 93 -31.11 -10.11 -20.79
N ILE B 94 -31.63 -8.91 -20.58
CA ILE B 94 -31.40 -8.22 -19.32
C ILE B 94 -32.43 -8.64 -18.28
N GLU B 95 -33.70 -8.75 -18.69
CA GLU B 95 -34.76 -9.09 -17.76
C GLU B 95 -34.66 -10.52 -17.26
N VAL B 96 -33.96 -11.41 -17.97
CA VAL B 96 -33.78 -12.76 -17.46
C VAL B 96 -33.09 -12.72 -16.11
N GLN B 97 -32.25 -11.71 -15.88
CA GLN B 97 -31.55 -11.55 -14.61
C GLN B 97 -32.51 -11.37 -13.45
N ARG B 98 -33.73 -10.88 -13.71
CA ARG B 98 -34.73 -10.73 -12.66
C ARG B 98 -35.06 -12.06 -11.99
N PHE B 99 -34.70 -13.19 -12.60
CA PHE B 99 -34.98 -14.49 -12.02
C PHE B 99 -34.03 -14.87 -10.89
N VAL B 100 -33.04 -14.02 -10.56
CA VAL B 100 -32.18 -14.27 -9.40
C VAL B 100 -32.43 -13.19 -8.36
N MET B 101 -32.30 -13.58 -7.09
CA MET B 101 -32.62 -12.73 -5.93
C MET B 101 -32.03 -11.34 -6.06
N LEU B 102 -30.79 -11.25 -6.54
CA LEU B 102 -30.07 -9.99 -6.65
C LEU B 102 -30.87 -8.93 -7.39
N ASN B 103 -31.71 -9.34 -8.35
CA ASN B 103 -32.43 -8.43 -9.21
C ASN B 103 -33.94 -8.48 -8.97
N MET B 104 -34.32 -8.72 -7.71
CA MET B 104 -35.71 -8.74 -7.29
C MET B 104 -35.95 -7.62 -6.29
N ASP B 105 -37.18 -7.15 -6.22
CA ASP B 105 -37.60 -6.23 -5.17
C ASP B 105 -38.53 -6.95 -4.20
N ALA B 106 -38.77 -6.30 -3.06
CA ALA B 106 -39.74 -6.83 -2.10
C ALA B 106 -41.13 -6.85 -2.74
N PRO B 107 -42.00 -7.78 -2.32
CA PRO B 107 -41.82 -8.81 -1.29
C PRO B 107 -41.18 -10.09 -1.82
N HIS B 108 -41.08 -10.25 -3.15
CA HIS B 108 -40.45 -11.43 -3.70
C HIS B 108 -39.03 -11.60 -3.16
N HIS B 109 -38.28 -10.51 -3.11
CA HIS B 109 -36.93 -10.56 -2.57
C HIS B 109 -36.93 -10.98 -1.11
N THR B 110 -37.86 -10.44 -0.32
CA THR B 110 -37.89 -10.73 1.11
C THR B 110 -38.07 -12.22 1.36
N ARG B 111 -39.05 -12.82 0.69
CA ARG B 111 -39.31 -14.24 0.84
C ARG B 111 -38.08 -15.08 0.52
N LEU B 112 -37.46 -14.84 -0.64
CA LEU B 112 -36.33 -15.66 -1.05
C LEU B 112 -35.13 -15.46 -0.13
N ARG B 113 -34.85 -14.21 0.26
CA ARG B 113 -33.72 -13.94 1.14
C ARG B 113 -33.85 -14.71 2.45
N LYS B 114 -35.05 -14.69 3.05
CA LYS B 114 -35.23 -15.39 4.33
C LYS B 114 -34.96 -16.88 4.19
N ILE B 115 -35.43 -17.48 3.09
CA ILE B 115 -35.19 -18.90 2.84
C ILE B 115 -33.72 -19.19 2.62
N ILE B 116 -33.04 -18.34 1.84
CA ILE B 116 -31.67 -18.67 1.44
C ILE B 116 -30.67 -18.48 2.58
N SER B 117 -31.05 -17.76 3.64
CA SER B 117 -30.15 -17.57 4.79
C SER B 117 -29.76 -18.89 5.43
N ARG B 118 -30.60 -19.93 5.31
CA ARG B 118 -30.26 -21.24 5.85
C ARG B 118 -28.90 -21.73 5.35
N GLY B 119 -28.53 -21.34 4.13
CA GLY B 119 -27.25 -21.72 3.58
C GLY B 119 -26.07 -20.94 4.08
N PHE B 120 -26.29 -19.83 4.78
CA PHE B 120 -25.20 -18.95 5.19
C PHE B 120 -25.19 -18.65 6.68
N THR B 121 -25.78 -19.53 7.48
CA THR B 121 -25.61 -19.45 8.92
C THR B 121 -24.13 -19.63 9.28
N PRO B 122 -23.69 -19.06 10.41
CA PRO B 122 -22.37 -19.40 10.95
C PRO B 122 -22.12 -20.89 10.93
N ARG B 123 -23.16 -21.69 11.19
CA ARG B 123 -22.99 -23.13 11.16
C ARG B 123 -22.60 -23.59 9.76
N ALA B 124 -23.37 -23.16 8.76
CA ALA B 124 -23.06 -23.56 7.38
C ALA B 124 -21.68 -23.10 6.96
N VAL B 125 -21.34 -21.84 7.25
CA VAL B 125 -20.04 -21.31 6.81
C VAL B 125 -18.91 -21.89 7.65
N GLY B 126 -19.08 -21.89 8.98
CA GLY B 126 -18.03 -22.41 9.85
C GLY B 126 -17.70 -23.88 9.62
N ARG B 127 -18.69 -24.70 9.26
CA ARG B 127 -18.42 -26.10 8.96
C ARG B 127 -17.53 -26.27 7.74
N LEU B 128 -17.48 -25.27 6.87
CA LEU B 128 -16.58 -25.34 5.72
C LEU B 128 -15.14 -25.03 6.09
N HIS B 129 -14.90 -24.43 7.27
CA HIS B 129 -13.56 -23.90 7.57
C HIS B 129 -12.48 -24.94 7.40
N ASP B 130 -12.63 -26.11 8.03
CA ASP B 130 -11.51 -27.04 8.07
C ASP B 130 -11.16 -27.58 6.70
N GLU B 131 -12.15 -27.91 5.87
CA GLU B 131 -11.86 -28.42 4.53
C GLU B 131 -11.26 -27.34 3.65
N LEU B 132 -11.73 -26.09 3.80
CA LEU B 132 -11.19 -24.99 3.01
C LEU B 132 -9.79 -24.63 3.48
N GLN B 133 -9.52 -24.79 4.78
CA GLN B 133 -8.17 -24.57 5.28
C GLN B 133 -7.23 -25.61 4.70
N GLU B 134 -7.63 -26.87 4.74
CA GLU B 134 -6.83 -27.93 4.12
C GLU B 134 -6.60 -27.66 2.65
N ARG B 135 -7.65 -27.28 1.92
CA ARG B 135 -7.43 -27.08 0.50
C ARG B 135 -6.64 -25.82 0.20
N ALA B 136 -6.78 -24.77 1.02
CA ALA B 136 -5.94 -23.59 0.86
C ALA B 136 -4.46 -23.97 1.00
N GLN B 137 -4.14 -24.73 2.03
CA GLN B 137 -2.76 -25.15 2.25
C GLN B 137 -2.25 -25.99 1.08
N LYS B 138 -3.11 -26.86 0.54
CA LYS B 138 -2.68 -27.69 -0.57
C LYS B 138 -2.43 -26.84 -1.82
N ILE B 139 -3.34 -25.90 -2.09
CA ILE B 139 -3.17 -24.99 -3.23
C ILE B 139 -1.85 -24.24 -3.14
N ALA B 140 -1.59 -23.64 -1.97
CA ALA B 140 -0.37 -22.86 -1.79
C ALA B 140 0.88 -23.73 -1.91
N ALA B 141 0.84 -24.92 -1.31
CA ALA B 141 2.00 -25.83 -1.41
C ALA B 141 2.23 -26.21 -2.86
N GLU B 142 1.16 -26.47 -3.61
CA GLU B 142 1.32 -26.84 -5.01
C GLU B 142 1.88 -25.71 -5.86
N ALA B 143 1.48 -24.47 -5.57
CA ALA B 143 2.05 -23.32 -6.27
C ALA B 143 3.52 -23.14 -5.92
N ALA B 144 3.88 -23.28 -4.64
CA ALA B 144 5.29 -23.17 -4.24
C ALA B 144 6.14 -24.21 -4.96
N ALA B 145 5.63 -25.43 -5.10
CA ALA B 145 6.41 -26.46 -5.76
C ALA B 145 6.57 -26.18 -7.24
N ALA B 146 5.59 -25.49 -7.84
CA ALA B 146 5.71 -25.12 -9.25
C ALA B 146 6.74 -24.03 -9.46
N GLY B 147 7.08 -23.27 -8.43
CA GLY B 147 8.13 -22.24 -8.50
C GLY B 147 7.67 -20.87 -9.01
N SER B 148 6.93 -20.86 -10.11
CA SER B 148 6.37 -19.63 -10.65
C SER B 148 5.20 -20.03 -11.54
N GLY B 149 4.41 -19.03 -11.94
CA GLY B 149 3.33 -19.28 -12.86
C GLY B 149 2.28 -18.18 -12.76
N ASP B 150 1.09 -18.50 -13.26
CA ASP B 150 -0.02 -17.55 -13.26
C ASP B 150 -0.70 -17.60 -11.90
N PHE B 151 -0.47 -16.55 -11.09
CA PHE B 151 -1.05 -16.48 -9.76
C PHE B 151 -2.58 -16.61 -9.80
N VAL B 152 -3.22 -16.02 -10.81
CA VAL B 152 -4.68 -16.08 -10.84
C VAL B 152 -5.14 -17.54 -10.91
N GLU B 153 -4.50 -18.32 -11.79
CA GLU B 153 -4.94 -19.70 -11.96
CA GLU B 153 -4.93 -19.70 -11.96
C GLU B 153 -4.42 -20.59 -10.83
N GLN B 154 -3.19 -20.38 -10.37
CA GLN B 154 -2.59 -21.30 -9.42
C GLN B 154 -2.91 -21.00 -7.96
N VAL B 155 -3.31 -19.77 -7.62
CA VAL B 155 -3.58 -19.40 -6.23
C VAL B 155 -5.00 -18.86 -6.04
N SER B 156 -5.49 -18.02 -6.94
CA SER B 156 -6.73 -17.30 -6.67
C SER B 156 -7.98 -18.07 -7.05
N CYS B 157 -7.90 -18.92 -8.07
CA CYS B 157 -9.10 -19.44 -8.72
CA CYS B 157 -9.09 -19.45 -8.74
C CYS B 157 -9.79 -20.53 -7.91
N GLU B 158 -9.03 -21.48 -7.37
CA GLU B 158 -9.67 -22.72 -6.93
C GLU B 158 -10.45 -22.55 -5.63
N LEU B 159 -9.88 -21.88 -4.63
CA LEU B 159 -10.53 -21.90 -3.32
C LEU B 159 -11.94 -21.31 -3.32
N PRO B 160 -12.24 -20.20 -4.00
CA PRO B 160 -13.64 -19.75 -4.01
C PRO B 160 -14.57 -20.77 -4.64
N LEU B 161 -14.10 -21.48 -5.69
CA LEU B 161 -14.94 -22.50 -6.31
C LEU B 161 -15.18 -23.66 -5.36
N GLN B 162 -14.15 -24.08 -4.62
CA GLN B 162 -14.33 -25.18 -3.67
C GLN B 162 -15.23 -24.79 -2.50
N ALA B 163 -15.25 -23.50 -2.15
CA ALA B 163 -16.21 -23.02 -1.15
C ALA B 163 -17.63 -23.21 -1.65
N ILE B 164 -17.89 -22.84 -2.91
CA ILE B 164 -19.20 -23.07 -3.51
C ILE B 164 -19.54 -24.55 -3.48
N ALA B 165 -18.63 -25.39 -3.98
CA ALA B 165 -18.88 -26.83 -4.05
C ALA B 165 -19.10 -27.42 -2.66
N GLY B 166 -18.24 -27.07 -1.70
CA GLY B 166 -18.43 -27.58 -0.34
C GLY B 166 -19.76 -27.15 0.25
N LEU B 167 -20.13 -25.88 0.03
CA LEU B 167 -21.37 -25.37 0.61
C LEU B 167 -22.59 -26.06 0.00
N LEU B 168 -22.52 -26.39 -1.29
CA LEU B 168 -23.62 -27.09 -1.96
C LEU B 168 -23.56 -28.61 -1.83
N GLY B 169 -22.49 -29.17 -1.27
CA GLY B 169 -22.39 -30.61 -1.19
C GLY B 169 -22.14 -31.30 -2.52
N VAL B 170 -21.43 -30.64 -3.43
CA VAL B 170 -21.21 -31.20 -4.77
C VAL B 170 -20.16 -32.30 -4.68
N PRO B 171 -20.44 -33.52 -5.13
CA PRO B 171 -19.44 -34.59 -5.05
C PRO B 171 -18.22 -34.28 -5.91
N GLN B 172 -17.07 -34.84 -5.50
CA GLN B 172 -15.81 -34.50 -6.15
C GLN B 172 -15.86 -34.74 -7.65
N GLU B 173 -16.52 -35.83 -8.09
CA GLU B 173 -16.52 -36.18 -9.50
C GLU B 173 -17.27 -35.18 -10.37
N ASP B 174 -18.06 -34.29 -9.78
CA ASP B 174 -18.80 -33.29 -10.55
C ASP B 174 -18.22 -31.89 -10.42
N ARG B 175 -17.15 -31.71 -9.66
CA ARG B 175 -16.66 -30.36 -9.41
C ARG B 175 -15.96 -29.78 -10.63
N GLY B 176 -15.24 -30.62 -11.38
CA GLY B 176 -14.62 -30.15 -12.61
C GLY B 176 -15.62 -29.49 -13.55
N LYS B 177 -16.71 -30.19 -13.86
CA LYS B 177 -17.69 -29.65 -14.80
C LYS B 177 -18.43 -28.46 -14.20
N LEU B 178 -18.76 -28.52 -12.90
CA LEU B 178 -19.40 -27.38 -12.25
C LEU B 178 -18.51 -26.14 -12.31
N PHE B 179 -17.22 -26.29 -12.03
CA PHE B 179 -16.32 -25.14 -12.07
C PHE B 179 -16.22 -24.58 -13.49
N HIS B 180 -16.22 -25.48 -14.48
CA HIS B 180 -16.16 -25.04 -15.87
C HIS B 180 -17.36 -24.16 -16.23
N TRP B 181 -18.57 -24.65 -15.91
CA TRP B 181 -19.77 -23.86 -16.20
C TRP B 181 -19.73 -22.52 -15.46
N SER B 182 -19.37 -22.54 -14.18
CA SER B 182 -19.32 -21.30 -13.42
CA SER B 182 -19.32 -21.29 -13.42
C SER B 182 -18.36 -20.30 -14.06
N ASN B 183 -17.16 -20.75 -14.44
CA ASN B 183 -16.18 -19.84 -15.02
C ASN B 183 -16.71 -19.16 -16.27
N GLU B 184 -17.48 -19.89 -17.08
CA GLU B 184 -17.95 -19.34 -18.34
C GLU B 184 -19.09 -18.33 -18.16
N MET B 185 -19.68 -18.25 -16.97
CA MET B 185 -20.77 -17.33 -16.71
C MET B 185 -20.33 -15.87 -16.71
N THR B 186 -19.03 -15.60 -16.63
CA THR B 186 -18.54 -14.23 -16.71
C THR B 186 -19.05 -13.51 -17.96
N GLY B 187 -19.15 -14.23 -19.07
CA GLY B 187 -19.71 -13.67 -20.28
C GLY B 187 -18.64 -13.37 -21.32
N ASN B 188 -19.10 -12.79 -22.42
CA ASN B 188 -18.36 -12.70 -23.66
C ASN B 188 -17.57 -11.41 -23.83
N GLU B 189 -17.63 -10.49 -22.87
CA GLU B 189 -17.23 -9.12 -23.16
C GLU B 189 -15.72 -8.95 -23.25
N ASP B 190 -14.94 -9.88 -22.72
CA ASP B 190 -13.51 -9.74 -22.91
C ASP B 190 -13.06 -10.59 -24.11
N PRO B 191 -12.22 -10.05 -24.98
CA PRO B 191 -11.85 -10.80 -26.20
C PRO B 191 -11.28 -12.18 -25.93
N GLU B 192 -10.60 -12.38 -24.80
CA GLU B 192 -10.05 -13.69 -24.47
C GLU B 192 -11.14 -14.74 -24.32
N TYR B 193 -12.37 -14.34 -23.99
CA TYR B 193 -13.47 -15.29 -23.80
C TYR B 193 -14.61 -15.05 -24.78
N ALA B 194 -14.36 -14.32 -25.88
CA ALA B 194 -15.44 -13.88 -26.76
C ALA B 194 -16.14 -15.04 -27.48
N HIS B 195 -15.50 -16.20 -27.56
CA HIS B 195 -16.05 -17.37 -28.24
C HIS B 195 -17.01 -18.16 -27.37
N ILE B 196 -17.00 -17.93 -26.07
CA ILE B 196 -17.74 -18.74 -25.10
C ILE B 196 -19.21 -18.37 -25.10
N ASP B 197 -20.08 -19.37 -24.95
CA ASP B 197 -21.51 -19.13 -24.85
C ASP B 197 -21.94 -19.25 -23.40
N PRO B 198 -22.26 -18.15 -22.71
CA PRO B 198 -22.65 -18.27 -21.30
C PRO B 198 -24.08 -18.76 -21.09
N LYS B 199 -24.96 -18.58 -22.09
CA LYS B 199 -26.31 -19.10 -21.94
C LYS B 199 -26.30 -20.62 -21.84
N ALA B 200 -25.45 -21.28 -22.63
CA ALA B 200 -25.34 -22.74 -22.56
C ALA B 200 -24.83 -23.19 -21.19
N SER B 201 -23.85 -22.49 -20.63
CA SER B 201 -23.34 -22.89 -19.33
C SER B 201 -24.39 -22.69 -18.23
N SER B 202 -25.18 -21.62 -18.31
CA SER B 202 -26.24 -21.41 -17.33
C SER B 202 -27.29 -22.51 -17.39
N ALA B 203 -27.64 -22.95 -18.60
CA ALA B 203 -28.58 -24.07 -18.71
C ALA B 203 -28.00 -25.37 -18.14
N GLU B 204 -26.68 -25.56 -18.23
CA GLU B 204 -26.08 -26.75 -17.64
C GLU B 204 -26.11 -26.69 -16.11
N LEU B 205 -25.87 -25.50 -15.56
CA LEU B 205 -25.92 -25.34 -14.10
C LEU B 205 -27.34 -25.59 -13.59
N ILE B 206 -28.34 -25.09 -14.30
CA ILE B 206 -29.72 -25.29 -13.88
C ILE B 206 -30.10 -26.75 -13.94
N GLY B 207 -29.72 -27.45 -15.02
CA GLY B 207 -30.02 -28.88 -15.10
C GLY B 207 -29.36 -29.66 -13.97
N TYR B 208 -28.08 -29.38 -13.71
CA TYR B 208 -27.39 -30.06 -12.61
C TYR B 208 -28.09 -29.78 -11.28
N ALA B 209 -28.45 -28.52 -11.04
CA ALA B 209 -29.18 -28.18 -9.82
C ALA B 209 -30.46 -28.99 -9.68
N MET B 210 -31.23 -29.12 -10.76
CA MET B 210 -32.49 -29.84 -10.69
C MET B 210 -32.26 -31.31 -10.33
N LYS B 211 -31.16 -31.90 -10.81
CA LYS B 211 -30.84 -33.28 -10.43
C LYS B 211 -30.45 -33.37 -8.97
N MET B 212 -29.66 -32.40 -8.50
CA MET B 212 -29.34 -32.34 -7.08
C MET B 212 -30.59 -32.26 -6.22
N ALA B 213 -31.51 -31.35 -6.56
CA ALA B 213 -32.73 -31.18 -5.78
C ALA B 213 -33.55 -32.46 -5.75
N GLU B 214 -33.67 -33.15 -6.90
CA GLU B 214 -34.43 -34.39 -6.89
C GLU B 214 -33.72 -35.46 -6.07
N GLU B 215 -32.39 -35.54 -6.21
CA GLU B 215 -31.64 -36.57 -5.51
C GLU B 215 -31.74 -36.41 -4.00
N LYS B 216 -31.72 -35.17 -3.50
CA LYS B 216 -31.79 -34.95 -2.07
C LYS B 216 -33.22 -35.00 -1.54
N ALA B 217 -34.22 -34.73 -2.39
CA ALA B 217 -35.61 -34.92 -1.98
C ALA B 217 -35.88 -36.39 -1.68
N LYS B 218 -35.24 -37.30 -2.41
CA LYS B 218 -35.34 -38.73 -2.14
C LYS B 218 -34.39 -39.18 -1.02
N ASN B 219 -33.31 -38.43 -0.78
CA ASN B 219 -32.29 -38.78 0.21
C ASN B 219 -31.98 -37.59 1.11
N PRO B 220 -32.87 -37.28 2.07
CA PRO B 220 -32.61 -36.23 3.07
C PRO B 220 -31.28 -36.39 3.79
N ASP B 223 -27.29 -31.34 5.50
CA ASP B 223 -26.66 -30.53 4.46
C ASP B 223 -27.57 -29.38 4.01
N ILE B 224 -27.01 -28.44 3.26
CA ILE B 224 -27.71 -27.19 2.97
C ILE B 224 -28.77 -27.38 1.89
N VAL B 225 -28.51 -28.21 0.88
CA VAL B 225 -29.50 -28.44 -0.15
C VAL B 225 -30.78 -29.04 0.45
N THR B 226 -30.64 -29.92 1.45
CA THR B 226 -31.84 -30.49 2.06
C THR B 226 -32.68 -29.42 2.74
N GLN B 227 -32.03 -28.47 3.42
CA GLN B 227 -32.78 -27.45 4.15
C GLN B 227 -33.49 -26.49 3.20
N LEU B 228 -32.92 -26.22 2.03
CA LEU B 228 -33.51 -25.24 1.13
C LEU B 228 -34.76 -25.76 0.42
N ILE B 229 -34.80 -27.05 0.09
CA ILE B 229 -35.93 -27.62 -0.65
C ILE B 229 -36.98 -28.23 0.27
N GLN B 230 -36.81 -28.14 1.57
CA GLN B 230 -37.76 -28.67 2.54
C GLN B 230 -38.40 -27.55 3.34
N ALA B 231 -39.62 -27.79 3.79
CA ALA B 231 -40.37 -26.80 4.55
C ALA B 231 -39.95 -26.79 6.01
N ASP B 232 -39.98 -25.61 6.61
CA ASP B 232 -39.65 -25.45 8.04
C ASP B 232 -40.89 -25.44 8.93
N GLY B 235 -43.49 -24.29 6.49
CA GLY B 235 -44.23 -23.90 5.30
C GLY B 235 -43.40 -23.44 4.10
N GLU B 236 -42.35 -22.66 4.35
CA GLU B 236 -41.63 -21.98 3.29
C GLU B 236 -40.43 -22.81 2.80
N LYS B 237 -40.22 -22.80 1.48
CA LYS B 237 -39.15 -23.59 0.86
C LYS B 237 -38.95 -23.11 -0.56
N LEU B 238 -37.74 -23.35 -1.08
CA LEU B 238 -37.46 -23.06 -2.49
C LEU B 238 -38.17 -24.06 -3.40
N SER B 239 -38.79 -23.54 -4.45
CA SER B 239 -39.29 -24.41 -5.50
C SER B 239 -38.13 -24.93 -6.35
N ASP B 240 -38.40 -25.97 -7.14
CA ASP B 240 -37.35 -26.57 -7.95
C ASP B 240 -36.70 -25.55 -8.87
N ASP B 241 -37.52 -24.69 -9.50
CA ASP B 241 -36.99 -23.61 -10.31
C ASP B 241 -36.13 -22.66 -9.48
N GLU B 242 -36.68 -22.19 -8.36
CA GLU B 242 -35.96 -21.26 -7.49
C GLU B 242 -34.65 -21.85 -7.00
N PHE B 243 -34.63 -23.16 -6.71
CA PHE B 243 -33.35 -23.77 -6.34
C PHE B 243 -32.37 -23.71 -7.50
N GLY B 244 -32.85 -23.93 -8.73
CA GLY B 244 -31.98 -23.84 -9.89
C GLY B 244 -31.36 -22.46 -10.03
N PHE B 245 -32.17 -21.41 -9.89
CA PHE B 245 -31.63 -20.05 -9.96
C PHE B 245 -30.79 -19.71 -8.74
N PHE B 246 -31.10 -20.31 -7.58
CA PHE B 246 -30.20 -20.19 -6.44
C PHE B 246 -28.81 -20.70 -6.79
N VAL B 247 -28.75 -21.90 -7.40
CA VAL B 247 -27.45 -22.47 -7.75
C VAL B 247 -26.74 -21.61 -8.80
N VAL B 248 -27.50 -21.10 -9.78
CA VAL B 248 -26.90 -20.18 -10.76
C VAL B 248 -26.36 -18.94 -10.06
N MET B 249 -27.14 -18.39 -9.13
CA MET B 249 -26.69 -17.20 -8.41
C MET B 249 -25.41 -17.46 -7.63
N LEU B 250 -25.33 -18.62 -6.98
CA LEU B 250 -24.17 -18.97 -6.17
C LEU B 250 -22.95 -19.27 -7.02
N ALA B 251 -23.14 -20.02 -8.12
CA ALA B 251 -22.02 -20.33 -9.01
C ALA B 251 -21.42 -19.06 -9.60
N VAL B 252 -22.24 -18.03 -9.81
CA VAL B 252 -21.76 -16.78 -10.38
C VAL B 252 -21.23 -15.85 -9.30
N ALA B 253 -22.04 -15.62 -8.25
CA ALA B 253 -21.65 -14.68 -7.22
C ALA B 253 -20.44 -15.16 -6.43
N GLY B 254 -20.31 -16.48 -6.23
CA GLY B 254 -19.23 -16.96 -5.38
C GLY B 254 -17.89 -17.13 -6.06
N ASN B 255 -17.77 -16.73 -7.32
CA ASN B 255 -16.59 -17.11 -8.09
C ASN B 255 -15.64 -15.93 -8.30
N GLU B 256 -15.90 -15.10 -9.31
CA GLU B 256 -14.90 -14.13 -9.75
C GLU B 256 -14.58 -13.10 -8.67
N THR B 257 -15.58 -12.66 -7.92
CA THR B 257 -15.34 -11.56 -6.98
C THR B 257 -14.34 -11.95 -5.90
N THR B 258 -14.48 -13.13 -5.29
CA THR B 258 -13.47 -13.58 -4.33
C THR B 258 -12.14 -13.81 -5.02
N ARG B 259 -12.14 -14.49 -6.16
CA ARG B 259 -10.91 -14.67 -6.93
C ARG B 259 -10.17 -13.35 -7.11
N ASN B 260 -10.90 -12.31 -7.51
CA ASN B 260 -10.28 -11.03 -7.81
C ASN B 260 -9.88 -10.30 -6.55
N SER B 261 -10.55 -10.57 -5.42
CA SER B 261 -10.06 -10.06 -4.15
CA SER B 261 -10.06 -10.08 -4.13
C SER B 261 -8.70 -10.66 -3.82
N ILE B 262 -8.53 -11.96 -4.07
CA ILE B 262 -7.26 -12.61 -3.75
C ILE B 262 -6.15 -12.05 -4.64
N THR B 263 -6.39 -11.95 -5.94
CA THR B 263 -5.32 -11.46 -6.81
C THR B 263 -4.94 -10.03 -6.45
N GLN B 264 -5.94 -9.18 -6.25
CA GLN B 264 -5.61 -7.79 -6.03
C GLN B 264 -5.09 -7.55 -4.63
N GLY B 265 -5.50 -8.38 -3.66
CA GLY B 265 -4.86 -8.34 -2.35
C GLY B 265 -3.37 -8.65 -2.43
N MET B 266 -3.00 -9.66 -3.22
CA MET B 266 -1.57 -9.96 -3.39
C MET B 266 -0.88 -8.83 -4.15
N MET B 267 -1.56 -8.24 -5.13
CA MET B 267 -0.96 -7.09 -5.81
C MET B 267 -0.71 -5.96 -4.82
N ALA B 268 -1.62 -5.78 -3.88
CA ALA B 268 -1.41 -4.77 -2.85
C ALA B 268 -0.22 -5.11 -1.96
N PHE B 269 -0.08 -6.39 -1.58
CA PHE B 269 1.05 -6.76 -0.73
C PHE B 269 2.38 -6.62 -1.49
N ALA B 270 2.37 -6.88 -2.79
CA ALA B 270 3.60 -6.72 -3.57
C ALA B 270 3.99 -5.24 -3.63
N GLU B 271 2.99 -4.37 -3.73
CA GLU B 271 3.22 -2.94 -3.80
C GLU B 271 3.54 -2.34 -2.44
N HIS B 272 3.18 -3.04 -1.36
CA HIS B 272 3.34 -2.54 0.00
C HIS B 272 4.04 -3.61 0.82
N PRO B 273 5.32 -3.87 0.54
CA PRO B 273 6.02 -4.98 1.23
C PRO B 273 6.03 -4.82 2.73
N ASP B 274 5.97 -3.59 3.23
CA ASP B 274 5.91 -3.38 4.69
CA ASP B 274 5.93 -3.42 4.69
C ASP B 274 4.65 -4.02 5.27
N GLN B 275 3.52 -3.92 4.55
CA GLN B 275 2.30 -4.53 5.02
C GLN B 275 2.37 -6.05 4.93
N TRP B 276 3.01 -6.56 3.88
CA TRP B 276 3.19 -8.02 3.77
C TRP B 276 4.06 -8.56 4.89
N GLU B 277 5.13 -7.85 5.24
CA GLU B 277 5.92 -8.30 6.39
C GLU B 277 5.09 -8.31 7.67
N LEU B 278 4.29 -7.27 7.87
CA LEU B 278 3.41 -7.22 9.02
C LEU B 278 2.38 -8.34 8.98
N TYR B 279 1.78 -8.57 7.81
CA TYR B 279 0.80 -9.64 7.68
C TYR B 279 1.40 -10.99 8.06
N LYS B 280 2.58 -11.32 7.53
CA LYS B 280 3.15 -12.66 7.79
C LYS B 280 3.36 -12.88 9.27
N LYS B 281 3.75 -11.83 10.01
CA LYS B 281 3.95 -11.94 11.44
C LYS B 281 2.63 -12.03 12.20
N VAL B 282 1.70 -11.11 11.93
CA VAL B 282 0.53 -10.94 12.77
C VAL B 282 -0.72 -11.67 12.27
N ARG B 283 -0.79 -12.00 10.97
CA ARG B 283 -1.98 -12.64 10.39
C ARG B 283 -3.28 -12.02 10.90
N PRO B 284 -3.45 -10.71 10.74
CA PRO B 284 -4.62 -10.06 11.36
C PRO B 284 -5.89 -10.41 10.59
N GLU B 285 -6.95 -10.74 11.33
CA GLU B 285 -8.20 -11.10 10.69
C GLU B 285 -8.81 -9.91 9.93
N THR B 286 -8.47 -8.68 10.36
CA THR B 286 -8.89 -7.46 9.66
C THR B 286 -8.34 -7.34 8.25
N ALA B 287 -7.39 -8.20 7.86
CA ALA B 287 -6.79 -8.09 6.54
C ALA B 287 -7.82 -8.29 5.44
N ALA B 288 -8.75 -9.23 5.63
CA ALA B 288 -9.68 -9.55 4.56
C ALA B 288 -10.52 -8.35 4.17
N ASP B 289 -11.00 -7.58 5.17
CA ASP B 289 -11.81 -6.41 4.83
C ASP B 289 -10.99 -5.34 4.11
N GLU B 290 -9.74 -5.09 4.55
CA GLU B 290 -8.92 -4.14 3.80
C GLU B 290 -8.61 -4.66 2.39
N ILE B 291 -8.45 -5.97 2.24
CA ILE B 291 -8.23 -6.51 0.91
C ILE B 291 -9.47 -6.30 0.04
N VAL B 292 -10.67 -6.44 0.63
CA VAL B 292 -11.88 -6.22 -0.17
C VAL B 292 -12.04 -4.73 -0.50
N ARG B 293 -11.74 -3.85 0.45
CA ARG B 293 -11.80 -2.43 0.16
C ARG B 293 -10.85 -2.07 -0.97
N TRP B 294 -9.61 -2.54 -0.88
CA TRP B 294 -8.61 -2.24 -1.89
C TRP B 294 -8.97 -2.85 -3.24
N ALA B 295 -9.52 -4.06 -3.22
CA ALA B 295 -9.77 -4.78 -4.47
C ALA B 295 -11.08 -4.36 -5.12
N THR B 296 -12.06 -3.89 -4.33
CA THR B 296 -13.44 -3.57 -4.77
C THR B 296 -13.81 -4.38 -6.02
N PRO B 297 -13.98 -5.70 -5.86
CA PRO B 297 -14.17 -6.57 -7.04
C PRO B 297 -15.38 -6.21 -7.88
N VAL B 298 -16.42 -5.66 -7.26
CA VAL B 298 -17.55 -5.10 -8.02
C VAL B 298 -17.32 -3.59 -8.06
N THR B 299 -16.99 -3.06 -9.24
CA THR B 299 -16.78 -1.62 -9.37
C THR B 299 -18.07 -0.83 -9.13
N ALA B 300 -19.19 -1.34 -9.63
CA ALA B 300 -20.45 -0.59 -9.60
C ALA B 300 -21.63 -1.53 -9.79
N PHE B 301 -22.67 -1.30 -9.01
CA PHE B 301 -24.02 -1.81 -9.26
C PHE B 301 -24.97 -0.61 -9.36
N GLN B 302 -26.09 -0.78 -10.06
CA GLN B 302 -27.02 0.31 -10.30
C GLN B 302 -28.35 0.05 -9.61
N ARG B 303 -29.19 1.09 -9.56
CA ARG B 303 -30.58 1.02 -9.17
C ARG B 303 -31.39 1.93 -10.08
N THR B 304 -32.70 1.78 -10.04
CA THR B 304 -33.63 2.61 -10.79
C THR B 304 -34.62 3.26 -9.82
N ALA B 305 -34.75 4.58 -9.92
CA ALA B 305 -35.63 5.31 -9.00
C ALA B 305 -37.09 5.05 -9.31
N LEU B 306 -37.87 4.65 -8.31
CA LEU B 306 -39.29 4.40 -8.51
C LEU B 306 -40.13 5.65 -8.31
N ARG B 307 -39.60 6.65 -7.62
CA ARG B 307 -40.24 7.95 -7.49
C ARG B 307 -39.15 9.02 -7.55
N ASP B 308 -39.58 10.28 -7.68
CA ASP B 308 -38.66 11.41 -7.54
C ASP B 308 -38.03 11.37 -6.15
N TYR B 309 -36.72 11.62 -6.09
CA TYR B 309 -35.98 11.54 -4.83
C TYR B 309 -34.84 12.54 -4.85
N GLU B 310 -34.74 13.37 -3.81
CA GLU B 310 -33.63 14.31 -3.68
C GLU B 310 -32.49 13.64 -2.92
N LEU B 311 -31.36 13.45 -3.59
CA LEU B 311 -30.19 12.82 -2.99
C LEU B 311 -29.05 13.84 -2.94
N SER B 312 -28.64 14.20 -1.71
CA SER B 312 -27.61 15.20 -1.46
C SER B 312 -27.73 16.39 -2.40
N GLY B 313 -28.92 16.98 -2.42
CA GLY B 313 -29.13 18.19 -3.18
C GLY B 313 -29.34 18.01 -4.66
N VAL B 314 -29.35 16.78 -5.17
CA VAL B 314 -29.60 16.52 -6.59
C VAL B 314 -30.96 15.86 -6.74
N GLN B 315 -31.75 16.33 -7.70
CA GLN B 315 -33.10 15.81 -7.90
C GLN B 315 -33.05 14.60 -8.82
N ILE B 316 -33.16 13.41 -8.26
CA ILE B 316 -33.28 12.19 -9.05
C ILE B 316 -34.73 12.08 -9.52
N LYS B 317 -34.92 11.77 -10.78
CA LYS B 317 -36.25 11.69 -11.36
C LYS B 317 -36.69 10.24 -11.53
N LYS B 318 -37.98 10.00 -11.32
CA LYS B 318 -38.55 8.66 -11.46
C LYS B 318 -38.14 8.05 -12.79
N GLY B 319 -37.70 6.79 -12.75
CA GLY B 319 -37.25 6.08 -13.93
C GLY B 319 -35.77 6.19 -14.23
N GLN B 320 -35.07 7.14 -13.61
CA GLN B 320 -33.65 7.32 -13.90
C GLN B 320 -32.81 6.29 -13.16
N ARG B 321 -31.66 5.96 -13.73
CA ARG B 321 -30.71 5.05 -13.12
C ARG B 321 -29.69 5.81 -12.29
N VAL B 322 -29.34 5.25 -11.14
CA VAL B 322 -28.20 5.71 -10.36
C VAL B 322 -27.20 4.56 -10.33
N VAL B 323 -25.92 4.88 -10.53
CA VAL B 323 -24.87 3.87 -10.57
C VAL B 323 -23.95 4.10 -9.39
N MET B 324 -23.93 3.14 -8.48
CA MET B 324 -23.14 3.18 -7.25
C MET B 324 -21.73 2.73 -7.55
N PHE B 325 -20.79 3.67 -7.63
CA PHE B 325 -19.40 3.33 -7.88
C PHE B 325 -18.71 3.00 -6.56
N TYR B 326 -18.76 1.73 -6.17
CA TYR B 326 -18.08 1.28 -4.96
C TYR B 326 -16.59 1.58 -5.03
N ARG B 327 -16.00 1.48 -6.23
CA ARG B 327 -14.57 1.78 -6.38
C ARG B 327 -14.25 3.21 -5.97
N SER B 328 -15.17 4.15 -6.22
CA SER B 328 -14.99 5.51 -5.72
C SER B 328 -15.30 5.61 -4.23
N ALA B 329 -16.42 5.02 -3.81
CA ALA B 329 -16.87 5.15 -2.43
C ALA B 329 -15.84 4.59 -1.45
N ASN B 330 -15.16 3.51 -1.81
CA ASN B 330 -14.19 2.86 -0.94
C ASN B 330 -12.92 3.66 -0.78
N PHE B 331 -12.78 4.79 -1.48
CA PHE B 331 -11.63 5.68 -1.34
C PHE B 331 -12.08 7.09 -1.00
N ASP B 332 -13.29 7.19 -0.42
CA ASP B 332 -13.89 8.46 -0.04
C ASP B 332 -13.06 9.11 1.07
N GLU B 333 -12.48 10.28 0.77
CA GLU B 333 -11.56 10.94 1.68
C GLU B 333 -12.25 11.43 2.96
N GLU B 334 -13.58 11.53 2.96
CA GLU B 334 -14.34 11.94 4.14
C GLU B 334 -14.70 10.78 5.06
N VAL B 335 -14.52 9.55 4.61
CA VAL B 335 -14.85 8.36 5.40
C VAL B 335 -13.59 7.68 5.92
N PHE B 336 -12.57 7.55 5.08
CA PHE B 336 -11.36 6.84 5.42
C PHE B 336 -10.23 7.83 5.66
N GLN B 337 -9.46 7.58 6.72
CA GLN B 337 -8.20 8.30 6.91
C GLN B 337 -7.14 7.63 6.04
N ASP B 338 -6.54 8.42 5.16
CA ASP B 338 -5.54 7.91 4.24
C ASP B 338 -6.15 6.83 3.38
N PRO B 339 -7.16 7.15 2.55
CA PRO B 339 -7.79 6.10 1.72
C PRO B 339 -6.81 5.39 0.81
N PHE B 340 -5.74 6.07 0.41
CA PHE B 340 -4.78 5.49 -0.50
C PHE B 340 -3.67 4.75 0.23
N THR B 341 -3.78 4.58 1.55
CA THR B 341 -2.92 3.69 2.31
C THR B 341 -3.57 2.31 2.40
N PHE B 342 -2.83 1.29 2.00
CA PHE B 342 -3.24 -0.09 2.22
C PHE B 342 -2.84 -0.45 3.64
N ASN B 343 -3.82 -0.61 4.54
CA ASN B 343 -3.55 -0.81 5.96
C ASN B 343 -4.33 -2.04 6.44
N ILE B 344 -3.64 -3.16 6.60
CA ILE B 344 -4.32 -4.39 6.94
C ILE B 344 -4.87 -4.39 8.35
N LEU B 345 -4.47 -3.43 9.19
CA LEU B 345 -5.01 -3.27 10.53
C LEU B 345 -6.20 -2.34 10.57
N ARG B 346 -6.61 -1.77 9.43
CA ARG B 346 -7.69 -0.79 9.40
C ARG B 346 -8.93 -1.31 10.13
N ASN B 347 -9.39 -0.56 11.13
CA ASN B 347 -10.50 -0.99 11.98
C ASN B 347 -11.10 0.17 12.77
N PRO B 348 -12.42 0.42 12.67
CA PRO B 348 -13.39 -0.20 11.76
C PRO B 348 -13.05 0.08 10.30
N ASN B 349 -13.65 -0.69 9.41
CA ASN B 349 -13.41 -0.57 7.97
C ASN B 349 -14.77 -0.59 7.29
N PRO B 350 -15.46 0.56 7.24
CA PRO B 350 -16.85 0.63 6.76
C PRO B 350 -16.94 0.70 5.23
N HIS B 351 -16.12 -0.12 4.57
CA HIS B 351 -16.13 -0.16 3.11
C HIS B 351 -17.45 -0.73 2.60
N VAL B 352 -17.72 -0.48 1.33
CA VAL B 352 -18.96 -0.93 0.70
C VAL B 352 -18.58 -1.91 -0.40
N GLY B 353 -17.46 -2.63 -0.22
CA GLY B 353 -17.09 -3.64 -1.18
C GLY B 353 -18.14 -4.73 -1.32
N PHE B 354 -18.87 -5.00 -0.24
CA PHE B 354 -19.99 -5.93 -0.24
C PHE B 354 -21.34 -5.22 -0.41
N GLY B 355 -21.31 -3.98 -0.89
CA GLY B 355 -22.51 -3.19 -1.04
C GLY B 355 -22.75 -2.28 0.15
N GLY B 356 -23.77 -1.43 0.00
CA GLY B 356 -24.22 -0.66 1.14
C GLY B 356 -25.11 -1.50 2.04
N THR B 357 -25.18 -1.11 3.31
CA THR B 357 -26.07 -1.80 4.24
C THR B 357 -27.51 -1.67 3.74
N GLY B 358 -28.20 -2.80 3.65
CA GLY B 358 -29.61 -2.77 3.28
C GLY B 358 -30.09 -4.14 2.86
N ALA B 359 -31.21 -4.16 2.14
CA ALA B 359 -31.92 -5.40 1.85
C ALA B 359 -31.08 -6.35 1.01
N HIS B 360 -30.16 -5.83 0.20
CA HIS B 360 -29.40 -6.66 -0.73
C HIS B 360 -27.95 -6.85 -0.31
N TYR B 361 -27.59 -6.53 0.94
CA TYR B 361 -26.21 -6.67 1.38
C TYR B 361 -25.70 -8.09 1.14
N CYS B 362 -24.44 -8.20 0.72
CA CYS B 362 -23.90 -9.49 0.27
C CYS B 362 -24.07 -10.58 1.33
N ILE B 363 -24.80 -11.64 0.98
CA ILE B 363 -24.99 -12.75 1.90
C ILE B 363 -23.77 -13.65 1.98
N GLY B 364 -22.86 -13.56 1.01
CA GLY B 364 -21.61 -14.29 1.01
C GLY B 364 -20.44 -13.59 1.67
N ALA B 365 -20.66 -12.44 2.30
CA ALA B 365 -19.55 -11.63 2.78
C ALA B 365 -18.67 -12.40 3.76
N ASN B 366 -19.29 -13.13 4.69
CA ASN B 366 -18.50 -13.90 5.65
C ASN B 366 -17.81 -15.08 4.98
N LEU B 367 -18.49 -15.75 4.05
CA LEU B 367 -17.83 -16.81 3.31
C LEU B 367 -16.64 -16.26 2.53
N ALA B 368 -16.82 -15.06 1.95
CA ALA B 368 -15.73 -14.45 1.18
C ALA B 368 -14.54 -14.12 2.10
N ARG B 369 -14.82 -13.47 3.23
CA ARG B 369 -13.75 -13.12 4.18
C ARG B 369 -12.97 -14.35 4.62
N MET B 370 -13.69 -15.43 4.92
CA MET B 370 -13.02 -16.65 5.38
C MET B 370 -12.15 -17.23 4.27
N THR B 371 -12.68 -17.31 3.05
CA THR B 371 -11.87 -17.76 1.91
C THR B 371 -10.61 -16.90 1.76
N ILE B 372 -10.77 -15.58 1.86
CA ILE B 372 -9.63 -14.67 1.72
C ILE B 372 -8.62 -14.92 2.82
N ASN B 373 -9.08 -14.98 4.08
CA ASN B 373 -8.13 -15.12 5.17
C ASN B 373 -7.40 -16.46 5.10
N LEU B 374 -8.10 -17.52 4.69
CA LEU B 374 -7.47 -18.84 4.60
C LEU B 374 -6.40 -18.88 3.51
N ILE B 375 -6.67 -18.32 2.34
CA ILE B 375 -5.69 -18.42 1.28
C ILE B 375 -4.48 -17.53 1.59
N PHE B 376 -4.69 -16.36 2.20
CA PHE B 376 -3.51 -15.56 2.50
C PHE B 376 -2.69 -16.16 3.64
N ASN B 377 -3.32 -16.83 4.60
CA ASN B 377 -2.53 -17.56 5.58
C ASN B 377 -1.69 -18.63 4.89
N ALA B 378 -2.29 -19.34 3.93
CA ALA B 378 -1.57 -20.38 3.20
C ALA B 378 -0.43 -19.79 2.36
N VAL B 379 -0.67 -18.67 1.68
CA VAL B 379 0.40 -18.05 0.90
C VAL B 379 1.55 -17.65 1.82
N ALA B 380 1.20 -17.03 2.96
CA ALA B 380 2.24 -16.66 3.92
C ALA B 380 3.00 -17.88 4.44
N ASP B 381 2.30 -19.02 4.59
CA ASP B 381 2.96 -20.22 5.10
C ASP B 381 3.91 -20.82 4.08
N HIS B 382 3.55 -20.79 2.80
CA HIS B 382 4.27 -21.59 1.81
C HIS B 382 5.11 -20.79 0.85
N MET B 383 4.77 -19.52 0.61
CA MET B 383 5.51 -18.67 -0.34
CA MET B 383 5.48 -18.67 -0.35
C MET B 383 5.71 -17.28 0.25
N PRO B 384 6.39 -17.19 1.41
CA PRO B 384 6.54 -15.88 2.03
C PRO B 384 7.31 -14.88 1.20
N ASP B 385 8.15 -15.34 0.27
CA ASP B 385 9.05 -14.47 -0.47
C ASP B 385 8.57 -14.22 -1.90
N LEU B 386 7.31 -14.51 -2.21
CA LEU B 386 6.84 -14.38 -3.58
C LEU B 386 6.95 -12.93 -4.06
N LYS B 387 7.21 -12.78 -5.36
CA LYS B 387 7.39 -11.49 -5.99
C LYS B 387 6.83 -11.59 -7.40
N PRO B 388 6.17 -10.53 -7.88
CA PRO B 388 5.63 -10.57 -9.24
C PRO B 388 6.73 -10.60 -10.29
N ILE B 389 6.40 -11.21 -11.43
CA ILE B 389 7.29 -11.21 -12.59
C ILE B 389 6.93 -10.09 -13.56
N SER B 390 5.64 -9.91 -13.83
CA SER B 390 5.21 -8.99 -14.88
C SER B 390 3.86 -8.38 -14.51
N ALA B 391 3.44 -7.39 -15.30
CA ALA B 391 2.22 -6.66 -15.00
C ALA B 391 0.99 -7.58 -15.08
N PRO B 392 -0.01 -7.34 -14.24
CA PRO B 392 -1.28 -8.06 -14.39
C PRO B 392 -2.01 -7.66 -15.67
N GLU B 393 -2.80 -8.60 -16.19
CA GLU B 393 -3.68 -8.37 -17.33
C GLU B 393 -5.11 -8.20 -16.81
N ARG B 394 -5.71 -7.04 -17.10
CA ARG B 394 -7.02 -6.70 -16.57
C ARG B 394 -8.13 -7.21 -17.49
N LEU B 395 -9.33 -7.35 -16.90
CA LEU B 395 -10.50 -7.87 -17.59
C LEU B 395 -11.28 -6.72 -18.22
N ARG B 396 -11.67 -6.88 -19.49
CA ARG B 396 -12.55 -5.91 -20.11
C ARG B 396 -13.96 -6.11 -19.59
N SER B 397 -14.42 -5.16 -18.78
CA SER B 397 -15.76 -5.23 -18.22
C SER B 397 -16.16 -3.82 -17.82
N GLY B 398 -17.44 -3.48 -18.00
CA GLY B 398 -17.82 -2.15 -17.56
C GLY B 398 -18.17 -1.99 -16.09
N TRP B 399 -18.10 -3.06 -15.29
CA TRP B 399 -18.60 -3.00 -13.91
C TRP B 399 -17.88 -4.00 -13.01
N LEU B 400 -17.34 -5.08 -13.57
CA LEU B 400 -16.55 -6.03 -12.77
C LEU B 400 -15.08 -5.63 -12.86
N ASN B 401 -14.39 -5.66 -11.72
CA ASN B 401 -12.97 -5.32 -11.65
C ASN B 401 -12.16 -6.61 -11.58
N GLY B 402 -11.65 -7.05 -12.72
CA GLY B 402 -11.09 -8.39 -12.85
C GLY B 402 -9.63 -8.38 -13.26
N ILE B 403 -8.87 -9.33 -12.72
CA ILE B 403 -7.52 -9.64 -13.20
C ILE B 403 -7.55 -11.02 -13.85
N LYS B 404 -7.26 -11.09 -15.15
CA LYS B 404 -7.29 -12.38 -15.84
C LYS B 404 -6.05 -13.22 -15.55
N HIS B 405 -4.88 -12.59 -15.51
CA HIS B 405 -3.60 -13.28 -15.44
C HIS B 405 -2.58 -12.40 -14.73
N TRP B 406 -1.65 -13.04 -14.01
CA TRP B 406 -0.62 -12.29 -13.30
C TRP B 406 0.53 -13.26 -13.01
N GLN B 407 1.67 -13.06 -13.66
CA GLN B 407 2.80 -13.97 -13.51
C GLN B 407 3.59 -13.60 -12.27
N VAL B 408 3.87 -14.60 -11.41
CA VAL B 408 4.57 -14.33 -10.17
CA VAL B 408 4.50 -14.39 -10.11
C VAL B 408 5.59 -15.43 -9.90
N ASP B 409 6.66 -15.03 -9.22
CA ASP B 409 7.74 -15.94 -8.83
C ASP B 409 7.50 -16.31 -7.37
N TYR B 410 7.06 -17.55 -7.12
CA TYR B 410 6.65 -17.93 -5.77
C TYR B 410 7.84 -18.08 -4.83
N THR B 411 9.00 -18.50 -5.36
CA THR B 411 10.17 -18.69 -4.53
C THR B 411 10.91 -17.40 -4.22
N GLY B 412 10.75 -16.39 -5.08
CA GLY B 412 11.42 -15.11 -4.89
C GLY B 412 12.94 -15.16 -4.97
N SER C 4 -2.77 22.73 -3.28
CA SER C 4 -2.00 21.60 -3.80
C SER C 4 -2.92 20.67 -4.59
N PRO C 5 -2.37 20.02 -5.61
CA PRO C 5 -3.20 19.24 -6.53
C PRO C 5 -3.77 17.99 -5.85
N ASN C 6 -4.87 17.50 -6.42
CA ASN C 6 -5.62 16.37 -5.87
C ASN C 6 -5.01 15.07 -6.38
N LEU C 7 -3.89 14.68 -5.77
CA LEU C 7 -3.18 13.48 -6.21
C LEU C 7 -2.95 12.57 -5.02
N PRO C 8 -2.83 11.27 -5.24
CA PRO C 8 -2.46 10.37 -4.13
C PRO C 8 -1.13 10.78 -3.55
N PRO C 9 -0.96 10.70 -2.23
CA PRO C 9 0.33 11.02 -1.62
C PRO C 9 1.46 10.21 -2.27
N GLY C 10 2.60 10.87 -2.50
CA GLY C 10 3.76 10.21 -3.08
C GLY C 10 3.76 10.02 -4.59
N PHE C 11 2.71 10.46 -5.29
CA PHE C 11 2.63 10.27 -6.74
C PHE C 11 3.88 10.81 -7.44
N ASP C 12 4.42 10.01 -8.38
CA ASP C 12 5.62 10.40 -9.14
C ASP C 12 5.32 10.21 -10.63
N PHE C 13 5.30 11.32 -11.37
CA PHE C 13 4.97 11.27 -12.79
C PHE C 13 6.04 10.61 -13.64
N THR C 14 7.20 10.25 -13.09
CA THR C 14 8.18 9.45 -13.82
C THR C 14 8.16 7.98 -13.43
N ASP C 15 7.20 7.54 -12.63
CA ASP C 15 7.14 6.16 -12.16
C ASP C 15 6.89 5.21 -13.31
N PRO C 16 7.83 4.33 -13.66
CA PRO C 16 7.59 3.43 -14.80
C PRO C 16 6.40 2.53 -14.59
N ALA C 17 6.06 2.20 -13.32
CA ALA C 17 4.91 1.35 -13.05
C ALA C 17 3.62 1.97 -13.54
N ILE C 18 3.56 3.30 -13.57
CA ILE C 18 2.37 3.98 -14.11
C ILE C 18 2.25 3.71 -15.60
N TYR C 19 3.33 3.96 -16.34
CA TYR C 19 3.28 3.86 -17.80
C TYR C 19 3.16 2.43 -18.28
N ALA C 20 3.58 1.45 -17.45
CA ALA C 20 3.28 0.06 -17.81
C ALA C 20 1.77 -0.19 -17.87
N GLU C 21 0.98 0.61 -17.16
CA GLU C 21 -0.48 0.45 -17.12
C GLU C 21 -1.20 1.42 -18.06
N ARG C 22 -0.80 2.68 -18.06
CA ARG C 22 -1.63 3.74 -18.63
C ARG C 22 -0.79 5.00 -18.78
N LEU C 23 -1.28 5.88 -19.61
CA LEU C 23 -0.81 7.26 -19.57
C LEU C 23 -1.64 8.00 -18.52
N PRO C 24 -1.00 8.71 -17.58
CA PRO C 24 -1.75 9.34 -16.47
C PRO C 24 -2.40 10.65 -16.89
N VAL C 25 -3.30 10.53 -17.87
CA VAL C 25 -3.94 11.70 -18.50
C VAL C 25 -4.64 12.56 -17.45
N ALA C 26 -5.46 11.92 -16.61
CA ALA C 26 -6.25 12.66 -15.64
C ALA C 26 -5.36 13.34 -14.62
N GLU C 27 -4.31 12.64 -14.16
CA GLU C 27 -3.39 13.27 -13.22
C GLU C 27 -2.68 14.46 -13.86
N PHE C 28 -2.30 14.34 -15.14
CA PHE C 28 -1.74 15.49 -15.83
C PHE C 28 -2.74 16.64 -15.90
N ALA C 29 -4.01 16.31 -16.21
CA ALA C 29 -5.03 17.36 -16.29
C ALA C 29 -5.19 18.06 -14.95
N GLU C 30 -5.08 17.32 -13.84
CA GLU C 30 -5.21 17.94 -12.52
C GLU C 30 -4.07 18.92 -12.25
N LEU C 31 -2.83 18.59 -12.65
CA LEU C 31 -1.75 19.56 -12.47
C LEU C 31 -1.98 20.81 -13.32
N ARG C 32 -2.35 20.63 -14.59
CA ARG C 32 -2.62 21.80 -15.42
C ARG C 32 -3.68 22.68 -14.79
N SER C 33 -4.66 22.07 -14.11
CA SER C 33 -5.76 22.82 -13.51
C SER C 33 -5.38 23.50 -12.20
N ALA C 34 -4.63 22.81 -11.33
CA ALA C 34 -4.46 23.23 -9.95
C ALA C 34 -3.02 23.51 -9.55
N ALA C 35 -2.04 23.04 -10.31
CA ALA C 35 -0.63 23.32 -10.01
C ALA C 35 0.22 23.10 -11.26
N PRO C 36 0.16 24.02 -12.22
CA PRO C 36 0.79 23.74 -13.53
C PRO C 36 2.29 23.56 -13.45
N ILE C 37 2.97 24.18 -12.49
CA ILE C 37 4.34 23.83 -12.16
C ILE C 37 4.33 23.29 -10.74
N TRP C 38 4.73 22.03 -10.59
CA TRP C 38 4.52 21.34 -9.32
C TRP C 38 5.78 20.58 -8.92
N TRP C 39 6.19 20.73 -7.65
CA TRP C 39 7.33 19.96 -7.19
C TRP C 39 6.94 18.51 -6.98
N ASN C 40 7.59 17.63 -7.73
CA ASN C 40 7.37 16.18 -7.76
C ASN C 40 8.44 15.57 -6.86
N GLY C 41 8.20 15.52 -5.56
CA GLY C 41 9.18 14.92 -4.66
C GLY C 41 9.42 13.45 -4.96
N GLN C 42 10.66 13.00 -4.70
CA GLN C 42 11.05 11.61 -4.88
C GLN C 42 11.81 11.15 -3.66
N ASP C 43 11.45 9.98 -3.13
CA ASP C 43 12.09 9.44 -1.93
C ASP C 43 13.53 9.02 -2.22
N PRO C 44 14.37 8.92 -1.19
CA PRO C 44 15.76 8.47 -1.42
C PRO C 44 15.78 7.10 -2.08
N GLY C 45 16.63 6.95 -3.08
CA GLY C 45 16.75 5.70 -3.80
C GLY C 45 15.68 5.46 -4.83
N LYS C 46 14.72 6.36 -4.98
CA LYS C 46 13.62 6.19 -5.91
C LYS C 46 13.57 7.34 -6.90
N GLY C 47 14.73 7.89 -7.24
CA GLY C 47 14.83 8.98 -8.19
C GLY C 47 15.13 8.57 -9.61
N GLY C 48 15.10 7.28 -9.93
CA GLY C 48 15.46 6.85 -11.28
C GLY C 48 16.88 7.16 -11.66
N GLY C 49 17.80 7.11 -10.71
CA GLY C 49 19.19 7.42 -10.96
C GLY C 49 19.62 8.78 -10.49
N PHE C 50 18.68 9.64 -10.16
CA PHE C 50 18.98 10.96 -9.64
C PHE C 50 18.64 11.00 -8.16
N HIS C 51 19.45 11.75 -7.43
CA HIS C 51 19.46 11.75 -5.98
C HIS C 51 19.36 13.17 -5.46
N ASP C 52 18.53 13.99 -6.10
CA ASP C 52 18.38 15.39 -5.76
C ASP C 52 17.03 15.69 -5.08
N GLY C 53 16.26 14.66 -4.76
CA GLY C 53 15.03 14.83 -4.01
C GLY C 53 13.77 14.99 -4.83
N GLY C 54 13.87 15.10 -6.16
CA GLY C 54 12.71 15.32 -6.99
C GLY C 54 12.99 16.33 -8.09
N PHE C 55 11.91 16.82 -8.70
CA PHE C 55 12.01 17.68 -9.87
C PHE C 55 10.73 18.49 -10.00
N TRP C 56 10.82 19.55 -10.80
CA TRP C 56 9.64 20.34 -11.14
C TRP C 56 8.91 19.71 -12.31
N ALA C 57 7.64 19.34 -12.10
CA ALA C 57 6.81 18.83 -13.19
C ALA C 57 6.28 20.00 -14.01
N ILE C 58 6.58 20.01 -15.30
CA ILE C 58 6.19 21.08 -16.21
C ILE C 58 5.08 20.55 -17.11
N THR C 59 3.87 21.12 -17.00
CA THR C 59 2.70 20.53 -17.63
C THR C 59 2.06 21.40 -18.71
N LYS C 60 2.40 22.67 -18.80
CA LYS C 60 1.77 23.58 -19.74
C LYS C 60 2.66 23.78 -20.95
N LEU C 61 2.03 23.91 -22.12
CA LEU C 61 2.80 23.94 -23.37
C LEU C 61 3.73 25.16 -23.40
N ASN C 62 3.24 26.33 -22.98
CA ASN C 62 4.08 27.52 -23.10
C ASN C 62 5.30 27.44 -22.18
N ASP C 63 5.17 26.77 -21.03
CA ASP C 63 6.31 26.56 -20.14
C ASP C 63 7.30 25.58 -20.75
N VAL C 64 6.80 24.52 -21.38
CA VAL C 64 7.67 23.62 -22.13
C VAL C 64 8.44 24.38 -23.20
N LYS C 65 7.74 25.24 -23.94
CA LYS C 65 8.41 26.02 -24.99
C LYS C 65 9.44 26.98 -24.41
N GLU C 66 9.09 27.66 -23.31
CA GLU C 66 10.00 28.64 -22.73
C GLU C 66 11.28 27.99 -22.24
N ILE C 67 11.17 26.82 -21.60
CA ILE C 67 12.36 26.08 -21.18
C ILE C 67 13.17 25.66 -22.39
N SER C 68 12.49 25.15 -23.42
CA SER C 68 13.20 24.71 -24.62
C SER C 68 13.85 25.89 -25.34
N ARG C 69 13.24 27.07 -25.28
CA ARG C 69 13.82 28.25 -25.92
C ARG C 69 15.05 28.74 -25.18
N HIS C 70 15.01 28.68 -23.85
CA HIS C 70 16.08 29.25 -23.03
C HIS C 70 17.09 28.15 -22.68
N SER C 71 17.77 27.65 -23.72
CA SER C 71 18.79 26.63 -23.54
C SER C 71 19.96 27.15 -22.71
N ASP C 72 20.23 28.46 -22.75
CA ASP C 72 21.34 29.01 -21.99
C ASP C 72 21.16 28.79 -20.49
N VAL C 73 19.92 28.70 -20.01
CA VAL C 73 19.63 28.47 -18.60
C VAL C 73 19.35 27.01 -18.32
N PHE C 74 18.59 26.34 -19.19
CA PHE C 74 18.09 24.98 -18.94
C PHE C 74 18.92 24.00 -19.75
N SER C 75 19.87 23.36 -19.07
CA SER C 75 20.92 22.59 -19.70
C SER C 75 20.48 21.16 -19.97
N SER C 76 20.92 20.62 -21.10
CA SER C 76 20.77 19.19 -21.38
C SER C 76 21.95 18.39 -20.85
N TYR C 77 23.13 19.00 -20.77
CA TYR C 77 24.36 18.29 -20.46
C TYR C 77 24.46 17.90 -18.98
N GLU C 78 23.98 18.76 -18.08
CA GLU C 78 24.28 18.62 -16.65
C GLU C 78 23.82 17.27 -16.12
N ASN C 79 22.61 16.85 -16.49
CA ASN C 79 22.09 15.57 -16.00
C ASN C 79 21.48 14.72 -17.11
N GLY C 80 21.72 15.06 -18.37
CA GLY C 80 21.05 14.39 -19.46
C GLY C 80 19.61 14.87 -19.58
N VAL C 81 18.93 14.38 -20.63
CA VAL C 81 17.53 14.73 -20.83
C VAL C 81 16.57 13.60 -20.46
N ILE C 82 17.08 12.39 -20.28
CA ILE C 82 16.22 11.27 -19.89
C ILE C 82 15.93 11.40 -18.40
N PRO C 83 14.67 11.45 -17.98
CA PRO C 83 14.35 11.75 -16.58
C PRO C 83 14.26 10.54 -15.66
N ARG C 84 14.47 9.33 -16.18
CA ARG C 84 14.27 8.14 -15.35
C ARG C 84 15.07 6.98 -15.93
N PHE C 85 15.95 6.42 -15.13
CA PHE C 85 16.64 5.16 -15.40
C PHE C 85 16.30 4.18 -14.28
N LYS C 86 16.94 3.02 -14.30
CA LYS C 86 16.86 2.12 -13.16
C LYS C 86 17.38 2.83 -11.92
N ASN C 87 16.71 2.61 -10.78
CA ASN C 87 17.05 3.36 -9.57
C ASN C 87 18.49 3.17 -9.14
N ASP C 88 19.13 2.07 -9.53
CA ASP C 88 20.49 1.77 -9.12
C ASP C 88 21.54 2.08 -10.19
N ILE C 89 21.19 2.84 -11.23
CA ILE C 89 22.16 3.16 -12.27
C ILE C 89 23.30 3.96 -11.69
N ALA C 90 24.53 3.62 -12.09
CA ALA C 90 25.68 4.40 -11.67
C ALA C 90 25.68 5.77 -12.36
N ARG C 91 26.25 6.77 -11.68
CA ARG C 91 26.29 8.12 -12.26
C ARG C 91 27.01 8.13 -13.61
N GLU C 92 28.13 7.41 -13.70
CA GLU C 92 28.91 7.41 -14.93
C GLU C 92 28.09 6.92 -16.11
N ASP C 93 27.20 5.93 -15.89
CA ASP C 93 26.35 5.43 -16.97
C ASP C 93 25.36 6.48 -17.44
N ILE C 94 24.96 7.40 -16.56
CA ILE C 94 24.17 8.54 -16.99
C ILE C 94 25.02 9.49 -17.82
N GLU C 95 26.27 9.73 -17.38
CA GLU C 95 27.13 10.73 -18.01
C GLU C 95 27.70 10.30 -19.36
N VAL C 96 27.81 8.99 -19.63
CA VAL C 96 28.25 8.58 -20.96
C VAL C 96 27.26 8.99 -22.03
N GLN C 97 26.03 9.27 -21.65
CA GLN C 97 25.04 9.76 -22.60
C GLN C 97 25.34 11.17 -23.10
N ARG C 98 26.33 11.85 -22.53
CA ARG C 98 26.72 13.16 -23.03
C ARG C 98 27.49 13.08 -24.35
N PHE C 99 27.89 11.89 -24.77
CA PHE C 99 28.61 11.71 -26.02
C PHE C 99 27.72 11.84 -27.26
N VAL C 100 26.41 11.97 -27.10
CA VAL C 100 25.52 12.17 -28.23
C VAL C 100 24.97 13.59 -28.16
N MET C 101 24.76 14.18 -29.35
CA MET C 101 24.26 15.54 -29.51
C MET C 101 23.16 15.93 -28.53
N LEU C 102 22.21 15.01 -28.33
CA LEU C 102 21.01 15.31 -27.54
C LEU C 102 21.36 15.77 -26.14
N ASN C 103 22.49 15.32 -25.60
CA ASN C 103 22.87 15.67 -24.24
C ASN C 103 24.10 16.58 -24.18
N MET C 104 24.27 17.48 -25.15
CA MET C 104 25.31 18.49 -25.06
C MET C 104 24.69 19.88 -25.04
N ASP C 105 25.46 20.83 -24.52
CA ASP C 105 25.12 22.24 -24.60
C ASP C 105 26.01 22.93 -25.62
N ALA C 106 25.58 24.12 -26.05
CA ALA C 106 26.45 24.98 -26.83
C ALA C 106 27.74 25.24 -26.05
N PRO C 107 28.88 25.43 -26.75
CA PRO C 107 29.04 25.45 -28.20
C PRO C 107 29.26 24.07 -28.85
N HIS C 108 29.46 23.03 -28.03
CA HIS C 108 29.68 21.68 -28.55
C HIS C 108 28.49 21.21 -29.39
N HIS C 109 27.28 21.38 -28.85
CA HIS C 109 26.10 20.96 -29.58
C HIS C 109 25.93 21.73 -30.88
N THR C 110 26.26 23.04 -30.85
CA THR C 110 26.11 23.89 -32.02
C THR C 110 26.86 23.31 -33.23
N ARG C 111 28.10 22.88 -33.01
CA ARG C 111 28.92 22.38 -34.10
C ARG C 111 28.38 21.07 -34.66
N LEU C 112 28.10 20.10 -33.78
CA LEU C 112 27.59 18.82 -34.26
C LEU C 112 26.25 18.97 -34.95
N ARG C 113 25.34 19.79 -34.39
CA ARG C 113 24.05 19.99 -35.03
C ARG C 113 24.21 20.56 -36.43
N LYS C 114 25.18 21.46 -36.61
CA LYS C 114 25.40 22.05 -37.94
C LYS C 114 25.86 20.99 -38.94
N ILE C 115 26.78 20.12 -38.53
CA ILE C 115 27.27 19.07 -39.43
C ILE C 115 26.19 18.03 -39.70
N ILE C 116 25.56 17.52 -38.64
CA ILE C 116 24.57 16.47 -38.81
C ILE C 116 23.32 16.96 -39.53
N SER C 117 23.01 18.26 -39.44
CA SER C 117 21.82 18.77 -40.12
C SER C 117 21.85 18.50 -41.62
N ARG C 118 23.04 18.43 -42.23
CA ARG C 118 23.12 18.15 -43.67
C ARG C 118 22.44 16.84 -44.03
N GLY C 119 22.39 15.87 -43.11
CA GLY C 119 21.81 14.58 -43.39
C GLY C 119 20.30 14.51 -43.29
N PHE C 120 19.64 15.55 -42.76
CA PHE C 120 18.20 15.51 -42.50
C PHE C 120 17.45 16.65 -43.16
N THR C 121 18.00 17.22 -44.23
CA THR C 121 17.30 18.25 -44.97
C THR C 121 16.11 17.65 -45.72
N PRO C 122 15.11 18.49 -46.08
CA PRO C 122 14.01 18.02 -46.95
C PRO C 122 14.49 17.20 -48.13
N ARG C 123 15.55 17.65 -48.79
CA ARG C 123 16.07 16.92 -49.93
C ARG C 123 16.69 15.59 -49.53
N ALA C 124 17.53 15.59 -48.49
CA ALA C 124 18.14 14.34 -48.04
C ALA C 124 17.09 13.34 -47.59
N VAL C 125 16.03 13.83 -46.93
CA VAL C 125 14.94 12.94 -46.55
C VAL C 125 14.16 12.50 -47.78
N GLY C 126 13.89 13.44 -48.69
CA GLY C 126 13.15 13.12 -49.89
C GLY C 126 13.75 12.00 -50.71
N ARG C 127 15.09 11.92 -50.75
CA ARG C 127 15.75 10.85 -51.51
C ARG C 127 15.38 9.46 -50.99
N LEU C 128 14.96 9.37 -49.73
CA LEU C 128 14.53 8.09 -49.17
C LEU C 128 13.10 7.73 -49.52
N HIS C 129 12.34 8.65 -50.12
CA HIS C 129 10.91 8.45 -50.31
C HIS C 129 10.59 7.17 -51.08
N ASP C 130 11.22 7.01 -52.25
CA ASP C 130 10.84 5.89 -53.11
C ASP C 130 11.07 4.54 -52.45
N GLU C 131 12.28 4.33 -51.90
CA GLU C 131 12.53 3.02 -51.30
C GLU C 131 11.66 2.80 -50.07
N LEU C 132 11.37 3.85 -49.30
CA LEU C 132 10.54 3.66 -48.11
C LEU C 132 9.08 3.44 -48.51
N GLN C 133 8.61 4.12 -49.55
CA GLN C 133 7.26 3.87 -50.07
C GLN C 133 7.11 2.43 -50.51
N GLU C 134 8.05 1.94 -51.32
CA GLU C 134 7.96 0.55 -51.77
C GLU C 134 7.99 -0.42 -50.59
N ARG C 135 8.85 -0.13 -49.60
CA ARG C 135 8.91 -1.00 -48.42
C ARG C 135 7.61 -0.93 -47.63
N ALA C 136 7.06 0.27 -47.43
CA ALA C 136 5.81 0.40 -46.68
C ALA C 136 4.69 -0.38 -47.34
N GLN C 137 4.58 -0.29 -48.67
CA GLN C 137 3.58 -1.07 -49.40
C GLN C 137 3.75 -2.57 -49.19
N LYS C 138 5.00 -3.04 -49.20
CA LYS C 138 5.26 -4.46 -49.01
C LYS C 138 4.89 -4.90 -47.60
N ILE C 139 5.29 -4.10 -46.61
CA ILE C 139 4.95 -4.37 -45.22
C ILE C 139 3.44 -4.53 -45.05
N ALA C 140 2.68 -3.55 -45.56
CA ALA C 140 1.23 -3.56 -45.43
C ALA C 140 0.62 -4.76 -46.12
N ALA C 141 1.04 -5.03 -47.36
CA ALA C 141 0.53 -6.18 -48.09
C ALA C 141 0.79 -7.49 -47.34
N GLU C 142 2.00 -7.66 -46.80
CA GLU C 142 2.33 -8.89 -46.09
C GLU C 142 1.55 -9.01 -44.80
N ALA C 143 1.32 -7.89 -44.10
CA ALA C 143 0.47 -7.93 -42.92
C ALA C 143 -0.94 -8.36 -43.30
N ALA C 144 -1.51 -7.73 -44.33
CA ALA C 144 -2.86 -8.08 -44.77
C ALA C 144 -2.97 -9.55 -45.10
N ALA C 145 -1.93 -10.12 -45.72
CA ALA C 145 -1.96 -11.52 -46.12
C ALA C 145 -1.91 -12.45 -44.92
N ALA C 146 -1.35 -11.99 -43.79
CA ALA C 146 -1.32 -12.78 -42.58
C ALA C 146 -2.70 -12.88 -41.93
N GLY C 147 -3.62 -11.98 -42.27
CA GLY C 147 -4.97 -12.01 -41.75
C GLY C 147 -5.15 -11.31 -40.42
N SER C 148 -4.39 -11.74 -39.42
CA SER C 148 -4.37 -11.10 -38.11
C SER C 148 -2.98 -11.27 -37.52
N GLY C 149 -2.68 -10.48 -36.48
CA GLY C 149 -1.41 -10.65 -35.79
C GLY C 149 -1.06 -9.41 -34.98
N ASP C 150 0.23 -9.34 -34.62
CA ASP C 150 0.75 -8.28 -33.75
C ASP C 150 1.11 -7.09 -34.63
N PHE C 151 0.25 -6.06 -34.60
CA PHE C 151 0.45 -4.86 -35.42
C PHE C 151 1.81 -4.22 -35.16
N VAL C 152 2.30 -4.29 -33.92
CA VAL C 152 3.58 -3.65 -33.60
C VAL C 152 4.69 -4.30 -34.39
N GLU C 153 4.76 -5.62 -34.33
CA GLU C 153 5.80 -6.36 -35.03
C GLU C 153 5.59 -6.33 -36.54
N GLN C 154 4.35 -6.53 -36.98
CA GLN C 154 4.09 -6.71 -38.41
C GLN C 154 3.96 -5.41 -39.19
N VAL C 155 3.66 -4.29 -38.53
CA VAL C 155 3.40 -3.06 -39.26
C VAL C 155 4.26 -1.91 -38.77
N SER C 156 4.44 -1.78 -37.45
CA SER C 156 5.08 -0.56 -36.93
C SER C 156 6.60 -0.64 -36.92
N CYS C 157 7.16 -1.85 -36.74
CA CYS C 157 8.57 -1.99 -36.37
CA CYS C 157 8.56 -1.98 -36.37
C CYS C 157 9.52 -1.72 -37.53
N GLU C 158 9.24 -2.30 -38.71
CA GLU C 158 10.29 -2.37 -39.72
C GLU C 158 10.57 -1.03 -40.38
N LEU C 159 9.55 -0.25 -40.72
CA LEU C 159 9.81 0.91 -41.56
C LEU C 159 10.71 1.93 -40.88
N PRO C 160 10.58 2.23 -39.58
CA PRO C 160 11.56 3.15 -38.97
C PRO C 160 12.98 2.62 -39.04
N LEU C 161 13.16 1.30 -38.91
CA LEU C 161 14.49 0.73 -39.01
C LEU C 161 15.02 0.80 -40.43
N GLN C 162 14.16 0.55 -41.42
CA GLN C 162 14.60 0.68 -42.81
C GLN C 162 14.93 2.13 -43.16
N ALA C 163 14.29 3.10 -42.48
CA ALA C 163 14.62 4.50 -42.73
C ALA C 163 16.04 4.82 -42.24
N ILE C 164 16.38 4.32 -41.06
CA ILE C 164 17.73 4.48 -40.53
C ILE C 164 18.74 3.77 -41.42
N ALA C 165 18.45 2.52 -41.80
CA ALA C 165 19.37 1.80 -42.66
C ALA C 165 19.57 2.51 -43.99
N GLY C 166 18.49 3.07 -44.55
CA GLY C 166 18.61 3.76 -45.83
C GLY C 166 19.39 5.06 -45.70
N LEU C 167 19.14 5.81 -44.62
CA LEU C 167 19.87 7.06 -44.41
C LEU C 167 21.35 6.79 -44.26
N LEU C 168 21.72 5.68 -43.63
CA LEU C 168 23.12 5.35 -43.41
C LEU C 168 23.76 4.61 -44.57
N GLY C 169 22.96 4.04 -45.48
CA GLY C 169 23.53 3.27 -46.58
C GLY C 169 23.98 1.88 -46.20
N VAL C 170 23.31 1.26 -45.24
CA VAL C 170 23.72 -0.06 -44.76
C VAL C 170 23.34 -1.11 -45.81
N PRO C 171 24.27 -1.95 -46.24
CA PRO C 171 23.91 -3.01 -47.18
C PRO C 171 22.89 -3.96 -46.58
N GLN C 172 22.09 -4.57 -47.48
CA GLN C 172 20.99 -5.42 -47.04
C GLN C 172 21.45 -6.54 -46.11
N GLU C 173 22.57 -7.20 -46.45
CA GLU C 173 23.06 -8.31 -45.64
C GLU C 173 23.43 -7.89 -44.22
N ASP C 174 23.66 -6.60 -43.98
CA ASP C 174 24.03 -6.10 -42.66
C ASP C 174 22.88 -5.56 -41.84
N ARG C 175 21.67 -5.47 -42.39
CA ARG C 175 20.59 -4.78 -41.67
C ARG C 175 20.06 -5.64 -40.52
N GLY C 176 20.08 -6.96 -40.68
CA GLY C 176 19.68 -7.81 -39.57
C GLY C 176 20.41 -7.48 -38.29
N LYS C 177 21.75 -7.46 -38.34
CA LYS C 177 22.49 -7.19 -37.11
C LYS C 177 22.33 -5.73 -36.68
N LEU C 178 22.24 -4.79 -37.63
CA LEU C 178 21.97 -3.40 -37.27
C LEU C 178 20.66 -3.26 -36.52
N PHE C 179 19.60 -3.88 -37.02
CA PHE C 179 18.30 -3.78 -36.35
C PHE C 179 18.36 -4.46 -34.98
N HIS C 180 19.11 -5.55 -34.88
CA HIS C 180 19.22 -6.24 -33.60
C HIS C 180 19.81 -5.32 -32.53
N TRP C 181 20.97 -4.74 -32.83
CA TRP C 181 21.59 -3.82 -31.88
C TRP C 181 20.71 -2.62 -31.59
N SER C 182 20.07 -2.07 -32.62
CA SER C 182 19.19 -0.92 -32.40
CA SER C 182 19.18 -0.93 -32.41
C SER C 182 18.03 -1.29 -31.48
N ASN C 183 17.47 -2.49 -31.64
CA ASN C 183 16.38 -2.90 -30.78
C ASN C 183 16.87 -3.30 -29.39
N GLU C 184 18.16 -3.63 -29.24
CA GLU C 184 18.69 -4.03 -27.95
C GLU C 184 18.98 -2.84 -27.04
N MET C 185 18.92 -1.61 -27.57
CA MET C 185 19.03 -0.38 -26.78
C MET C 185 17.67 0.07 -26.25
N THR C 186 16.74 -0.86 -26.07
CA THR C 186 15.31 -0.60 -26.18
C THR C 186 14.49 -1.41 -25.19
N GLY C 187 13.75 -0.70 -24.33
CA GLY C 187 12.84 -1.35 -23.41
C GLY C 187 13.49 -1.95 -22.19
N ASN C 188 14.66 -1.44 -21.78
CA ASN C 188 15.49 -2.12 -20.79
C ASN C 188 14.78 -2.28 -19.45
N GLU C 189 13.83 -1.40 -19.12
CA GLU C 189 13.17 -1.42 -17.82
C GLU C 189 11.95 -2.33 -17.77
N ASP C 190 11.53 -2.91 -18.90
CA ASP C 190 10.33 -3.74 -18.94
C ASP C 190 10.71 -5.20 -18.70
N PRO C 191 9.98 -5.94 -17.86
CA PRO C 191 10.35 -7.35 -17.60
C PRO C 191 10.42 -8.20 -18.87
N GLU C 192 9.71 -7.81 -19.93
CA GLU C 192 9.84 -8.58 -21.18
C GLU C 192 11.23 -8.43 -21.80
N TYR C 193 11.95 -7.34 -21.52
CA TYR C 193 13.28 -7.11 -22.09
C TYR C 193 14.35 -6.99 -21.02
N ALA C 194 14.15 -7.66 -19.87
CA ALA C 194 15.16 -7.66 -18.82
C ALA C 194 16.50 -8.20 -19.33
N HIS C 195 16.49 -8.95 -20.43
CA HIS C 195 17.68 -9.62 -20.93
C HIS C 195 18.57 -8.73 -21.79
N ILE C 196 18.04 -7.68 -22.41
CA ILE C 196 18.85 -6.88 -23.31
C ILE C 196 20.00 -6.22 -22.53
N ASP C 197 21.06 -5.87 -23.27
CA ASP C 197 22.25 -5.23 -22.69
C ASP C 197 22.59 -4.00 -23.51
N PRO C 198 22.16 -2.80 -23.08
CA PRO C 198 22.38 -1.60 -23.90
C PRO C 198 23.85 -1.29 -24.10
N LYS C 199 24.72 -1.60 -23.13
CA LYS C 199 26.13 -1.29 -23.29
C LYS C 199 26.77 -2.20 -24.33
N ALA C 200 26.42 -3.49 -24.32
CA ALA C 200 26.97 -4.41 -25.30
C ALA C 200 26.62 -3.99 -26.72
N SER C 201 25.36 -3.63 -26.95
CA SER C 201 24.92 -3.30 -28.31
C SER C 201 25.50 -1.97 -28.76
N SER C 202 25.54 -0.97 -27.88
CA SER C 202 26.17 0.29 -28.23
C SER C 202 27.60 0.08 -28.67
N ALA C 203 28.33 -0.79 -27.97
CA ALA C 203 29.68 -1.12 -28.41
C ALA C 203 29.66 -1.76 -29.79
N GLU C 204 28.67 -2.61 -30.06
CA GLU C 204 28.57 -3.23 -31.38
C GLU C 204 28.26 -2.20 -32.46
N LEU C 205 27.31 -1.30 -32.19
CA LEU C 205 26.99 -0.25 -33.15
C LEU C 205 28.22 0.60 -33.45
N ILE C 206 28.94 1.01 -32.41
CA ILE C 206 30.12 1.84 -32.61
C ILE C 206 31.18 1.08 -33.41
N GLY C 207 31.34 -0.21 -33.15
CA GLY C 207 32.30 -0.99 -33.92
C GLY C 207 31.92 -1.07 -35.40
N TYR C 208 30.63 -1.30 -35.68
CA TYR C 208 30.18 -1.32 -37.06
C TYR C 208 30.37 0.05 -37.72
N ALA C 209 30.03 1.13 -37.00
CA ALA C 209 30.17 2.46 -37.56
C ALA C 209 31.62 2.77 -37.93
N MET C 210 32.59 2.20 -37.21
CA MET C 210 33.98 2.42 -37.57
C MET C 210 34.32 1.72 -38.89
N LYS C 211 33.83 0.50 -39.07
CA LYS C 211 34.02 -0.20 -40.34
C LYS C 211 33.41 0.60 -41.49
N MET C 212 32.24 1.20 -41.26
CA MET C 212 31.61 2.01 -42.30
CA MET C 212 31.60 2.02 -42.30
C MET C 212 32.45 3.24 -42.62
N ALA C 213 32.84 3.99 -41.57
CA ALA C 213 33.65 5.17 -41.78
C ALA C 213 35.01 4.81 -42.36
N GLU C 214 35.54 3.64 -42.00
CA GLU C 214 36.80 3.19 -42.58
C GLU C 214 36.64 2.93 -44.08
N GLU C 215 35.57 2.24 -44.47
CA GLU C 215 35.40 1.90 -45.88
C GLU C 215 35.15 3.16 -46.72
N LYS C 216 34.27 4.05 -46.25
CA LYS C 216 33.93 5.23 -47.02
C LYS C 216 35.10 6.19 -47.18
N ALA C 217 36.11 6.10 -46.30
CA ALA C 217 37.34 6.86 -46.53
C ALA C 217 38.15 6.28 -47.68
N LYS C 218 38.19 4.95 -47.79
CA LYS C 218 38.84 4.29 -48.91
C LYS C 218 37.98 4.34 -50.18
N ASN C 219 36.66 4.30 -50.04
CA ASN C 219 35.74 4.23 -51.16
CA ASN C 219 35.74 4.24 -51.17
C ASN C 219 34.64 5.28 -50.97
N PRO C 220 34.98 6.56 -51.13
CA PRO C 220 33.97 7.61 -50.95
C PRO C 220 32.95 7.61 -52.07
N ALA C 221 31.73 8.06 -51.73
CA ALA C 221 30.60 8.04 -52.64
C ALA C 221 29.70 9.24 -52.32
N ASP C 222 28.71 9.44 -53.19
CA ASP C 222 27.77 10.56 -53.05
C ASP C 222 26.62 10.15 -52.13
N ASP C 223 26.94 9.95 -50.85
CA ASP C 223 25.95 9.52 -49.87
C ASP C 223 26.14 10.32 -48.58
N ILE C 224 25.51 9.84 -47.49
CA ILE C 224 25.47 10.59 -46.24
C ILE C 224 26.74 10.36 -45.43
N VAL C 225 27.19 9.10 -45.33
CA VAL C 225 28.31 8.77 -44.44
C VAL C 225 29.59 9.40 -44.95
N THR C 226 29.80 9.40 -46.27
CA THR C 226 30.92 10.15 -46.82
C THR C 226 30.80 11.64 -46.51
N GLN C 227 29.59 12.20 -46.67
CA GLN C 227 29.38 13.62 -46.42
C GLN C 227 29.79 14.00 -45.01
N LEU C 228 29.59 13.10 -44.05
CA LEU C 228 29.84 13.43 -42.64
C LEU C 228 31.31 13.28 -42.25
N ILE C 229 32.05 12.36 -42.89
CA ILE C 229 33.44 12.13 -42.50
C ILE C 229 34.44 12.90 -43.35
N GLN C 230 34.03 13.44 -44.50
CA GLN C 230 34.93 14.28 -45.29
C GLN C 230 34.66 15.74 -44.98
N ALA C 231 35.72 16.53 -44.91
CA ALA C 231 35.60 17.92 -44.51
C ALA C 231 34.84 18.72 -45.57
N ASP C 232 34.02 19.67 -45.10
CA ASP C 232 33.24 20.51 -45.98
C ASP C 232 34.07 21.72 -46.39
N ILE C 233 33.41 22.75 -46.94
CA ILE C 233 34.12 23.96 -47.35
C ILE C 233 34.77 24.65 -46.16
N ASP C 234 34.20 24.49 -44.97
CA ASP C 234 34.71 25.15 -43.76
C ASP C 234 35.64 24.25 -42.96
N GLY C 235 36.07 23.12 -43.52
CA GLY C 235 36.95 22.21 -42.79
C GLY C 235 36.30 21.46 -41.66
N GLU C 236 34.98 21.39 -41.63
CA GLU C 236 34.24 20.75 -40.55
C GLU C 236 33.91 19.31 -40.93
N LYS C 237 34.05 18.40 -39.97
CA LYS C 237 33.69 17.00 -40.17
C LYS C 237 33.62 16.29 -38.84
N LEU C 238 32.74 15.30 -38.76
CA LEU C 238 32.71 14.39 -37.62
C LEU C 238 34.03 13.62 -37.55
N SER C 239 34.56 13.48 -36.35
CA SER C 239 35.71 12.61 -36.14
C SER C 239 35.25 11.15 -36.15
N ASP C 240 36.22 10.23 -36.04
CA ASP C 240 35.90 8.80 -35.96
C ASP C 240 34.87 8.53 -34.87
N ASP C 241 35.19 8.92 -33.63
CA ASP C 241 34.30 8.66 -32.50
C ASP C 241 32.96 9.36 -32.70
N GLU C 242 32.99 10.63 -33.10
CA GLU C 242 31.75 11.38 -33.30
C GLU C 242 30.83 10.65 -34.28
N PHE C 243 31.40 10.10 -35.36
CA PHE C 243 30.58 9.35 -36.30
C PHE C 243 29.99 8.13 -35.62
N GLY C 244 30.75 7.50 -34.73
CA GLY C 244 30.21 6.37 -33.99
C GLY C 244 29.01 6.77 -33.16
N PHE C 245 29.15 7.85 -32.39
CA PHE C 245 28.05 8.30 -31.53
C PHE C 245 26.89 8.85 -32.35
N PHE C 246 27.15 9.36 -33.56
CA PHE C 246 26.05 9.70 -34.48
C PHE C 246 25.26 8.45 -34.88
N VAL C 247 25.96 7.37 -35.23
CA VAL C 247 25.25 6.16 -35.59
C VAL C 247 24.46 5.63 -34.40
N VAL C 248 25.07 5.67 -33.21
CA VAL C 248 24.36 5.25 -32.00
C VAL C 248 23.19 6.17 -31.74
N MET C 249 23.38 7.49 -31.90
CA MET C 249 22.26 8.41 -31.71
C MET C 249 21.15 8.12 -32.69
N LEU C 250 21.50 7.84 -33.95
CA LEU C 250 20.50 7.63 -34.97
C LEU C 250 19.87 6.24 -34.87
N ALA C 251 20.69 5.21 -34.61
CA ALA C 251 20.15 3.87 -34.42
C ALA C 251 19.20 3.82 -33.23
N VAL C 252 19.44 4.65 -32.22
CA VAL C 252 18.53 4.71 -31.08
C VAL C 252 17.35 5.62 -31.39
N ALA C 253 17.64 6.86 -31.83
CA ALA C 253 16.61 7.89 -31.91
C ALA C 253 15.59 7.63 -33.01
N GLY C 254 15.98 6.93 -34.06
CA GLY C 254 15.08 6.77 -35.19
C GLY C 254 14.18 5.56 -35.11
N ASN C 255 14.14 4.87 -33.96
CA ASN C 255 13.57 3.54 -33.89
C ASN C 255 12.25 3.60 -33.15
N GLU C 256 12.26 3.49 -31.80
CA GLU C 256 11.02 3.30 -31.04
C GLU C 256 10.05 4.46 -31.17
N THR C 257 10.55 5.69 -31.23
CA THR C 257 9.63 6.82 -31.21
C THR C 257 8.72 6.78 -32.44
N THR C 258 9.31 6.59 -33.63
CA THR C 258 8.47 6.50 -34.83
C THR C 258 7.61 5.24 -34.76
N ARG C 259 8.20 4.12 -34.37
CA ARG C 259 7.41 2.89 -34.18
C ARG C 259 6.16 3.17 -33.36
N ASN C 260 6.31 3.91 -32.27
CA ASN C 260 5.19 4.11 -31.38
C ASN C 260 4.21 5.15 -31.90
N SER C 261 4.66 6.09 -32.73
CA SER C 261 3.70 6.99 -33.38
C SER C 261 2.81 6.19 -34.34
N ILE C 262 3.36 5.16 -34.99
CA ILE C 262 2.55 4.34 -35.90
C ILE C 262 1.54 3.51 -35.13
N THR C 263 1.99 2.81 -34.08
CA THR C 263 1.05 1.98 -33.33
C THR C 263 -0.06 2.83 -32.73
N GLN C 264 0.31 3.94 -32.08
CA GLN C 264 -0.73 4.71 -31.39
C GLN C 264 -1.53 5.57 -32.35
N GLY C 265 -0.96 5.93 -33.50
CA GLY C 265 -1.77 6.51 -34.55
C GLY C 265 -2.87 5.58 -35.01
N MET C 266 -2.55 4.29 -35.16
CA MET C 266 -3.58 3.37 -35.61
C MET C 266 -4.56 3.07 -34.47
N MET C 267 -4.11 3.09 -33.20
CA MET C 267 -5.08 2.94 -32.11
C MET C 267 -6.02 4.14 -32.08
N ALA C 268 -5.52 5.33 -32.42
CA ALA C 268 -6.39 6.51 -32.50
C ALA C 268 -7.39 6.37 -33.63
N PHE C 269 -6.94 5.85 -34.78
CA PHE C 269 -7.86 5.64 -35.89
C PHE C 269 -8.94 4.63 -35.54
N ALA C 270 -8.57 3.58 -34.81
CA ALA C 270 -9.53 2.56 -34.43
C ALA C 270 -10.57 3.09 -33.45
N GLU C 271 -10.16 4.03 -32.57
CA GLU C 271 -11.07 4.65 -31.63
C GLU C 271 -11.90 5.76 -32.26
N HIS C 272 -11.48 6.28 -33.40
CA HIS C 272 -12.16 7.38 -34.08
C HIS C 272 -12.40 6.99 -35.54
N PRO C 273 -13.35 6.08 -35.77
CA PRO C 273 -13.56 5.59 -37.15
C PRO C 273 -13.89 6.67 -38.17
N ASP C 274 -14.52 7.78 -37.76
CA ASP C 274 -14.77 8.88 -38.70
C ASP C 274 -13.46 9.44 -39.23
N GLN C 275 -12.45 9.57 -38.37
CA GLN C 275 -11.16 10.08 -38.80
C GLN C 275 -10.43 9.10 -39.70
N TRP C 276 -10.60 7.80 -39.46
CA TRP C 276 -9.99 6.79 -40.32
C TRP C 276 -10.62 6.82 -41.71
N GLU C 277 -11.94 6.94 -41.77
CA GLU C 277 -12.62 7.08 -43.06
C GLU C 277 -12.15 8.32 -43.79
N LEU C 278 -12.02 9.45 -43.06
CA LEU C 278 -11.51 10.68 -43.66
C LEU C 278 -10.08 10.50 -44.15
N TYR C 279 -9.24 9.83 -43.36
CA TYR C 279 -7.86 9.61 -43.77
C TYR C 279 -7.79 8.82 -45.07
N LYS C 280 -8.51 7.70 -45.14
CA LYS C 280 -8.49 6.88 -46.35
C LYS C 280 -8.90 7.66 -47.57
N LYS C 281 -9.87 8.57 -47.42
CA LYS C 281 -10.41 9.30 -48.56
C LYS C 281 -9.47 10.40 -49.03
N VAL C 282 -8.83 11.08 -48.08
CA VAL C 282 -8.17 12.36 -48.30
C VAL C 282 -6.65 12.29 -48.14
N ARG C 283 -6.14 11.42 -47.27
CA ARG C 283 -4.72 11.30 -47.01
C ARG C 283 -4.09 12.67 -46.73
N PRO C 284 -4.62 13.43 -45.78
CA PRO C 284 -4.19 14.83 -45.63
C PRO C 284 -2.79 14.95 -45.04
N GLU C 285 -2.09 16.01 -45.44
CA GLU C 285 -0.73 16.29 -44.99
C GLU C 285 -0.66 16.80 -43.55
N THR C 286 -1.80 17.06 -42.92
CA THR C 286 -1.87 17.41 -41.50
C THR C 286 -1.98 16.19 -40.60
N ALA C 287 -2.18 14.98 -41.16
CA ALA C 287 -2.44 13.82 -40.33
C ALA C 287 -1.22 13.43 -39.51
N ALA C 288 -0.03 13.51 -40.10
CA ALA C 288 1.17 13.05 -39.40
C ALA C 288 1.37 13.82 -38.10
N ASP C 289 1.17 15.14 -38.13
CA ASP C 289 1.39 15.93 -36.93
C ASP C 289 0.35 15.62 -35.87
N GLU C 290 -0.92 15.41 -36.28
CA GLU C 290 -1.92 15.07 -35.28
C GLU C 290 -1.66 13.69 -34.70
N ILE C 291 -1.12 12.79 -35.52
CA ILE C 291 -0.72 11.49 -35.01
C ILE C 291 0.40 11.64 -33.99
N VAL C 292 1.36 12.51 -34.27
CA VAL C 292 2.47 12.67 -33.33
C VAL C 292 2.01 13.38 -32.05
N ARG C 293 1.11 14.37 -32.16
CA ARG C 293 0.54 14.98 -30.96
C ARG C 293 -0.19 13.95 -30.12
N TRP C 294 -1.04 13.14 -30.76
CA TRP C 294 -1.82 12.14 -30.04
C TRP C 294 -0.92 11.06 -29.43
N ALA C 295 0.12 10.67 -30.15
CA ALA C 295 0.95 9.55 -29.70
C ALA C 295 1.97 9.95 -28.65
N THR C 296 2.44 11.21 -28.72
CA THR C 296 3.51 11.77 -27.90
C THR C 296 4.49 10.67 -27.48
N PRO C 297 5.27 10.12 -28.43
CA PRO C 297 6.10 8.95 -28.12
C PRO C 297 7.14 9.20 -27.05
N VAL C 298 7.69 10.41 -26.96
CA VAL C 298 8.51 10.78 -25.81
C VAL C 298 7.59 11.47 -24.82
N THR C 299 7.30 10.81 -23.70
CA THR C 299 6.45 11.40 -22.67
C THR C 299 7.08 12.64 -22.08
N ALA C 300 8.38 12.58 -21.80
CA ALA C 300 9.01 13.70 -21.12
C ALA C 300 10.52 13.67 -21.33
N PHE C 301 11.10 14.86 -21.47
CA PHE C 301 12.53 15.07 -21.37
C PHE C 301 12.77 16.12 -20.29
N GLN C 302 13.93 16.09 -19.67
CA GLN C 302 14.25 17.01 -18.59
C GLN C 302 15.34 17.99 -19.02
N ARG C 303 15.50 19.04 -18.21
CA ARG C 303 16.65 19.93 -18.25
C ARG C 303 17.08 20.22 -16.82
N THR C 304 18.24 20.86 -16.68
CA THR C 304 18.73 21.31 -15.38
C THR C 304 19.00 22.81 -15.44
N ALA C 305 18.54 23.54 -14.43
CA ALA C 305 18.76 24.98 -14.39
C ALA C 305 20.22 25.28 -14.05
N LEU C 306 20.88 26.06 -14.90
CA LEU C 306 22.26 26.50 -14.69
C LEU C 306 22.34 27.70 -13.78
N ARG C 307 21.21 28.34 -13.51
CA ARG C 307 21.12 29.48 -12.62
C ARG C 307 19.67 29.63 -12.21
N ASP C 308 19.45 30.39 -11.15
CA ASP C 308 18.09 30.72 -10.71
C ASP C 308 17.29 31.28 -11.87
N TYR C 309 16.02 30.87 -11.95
CA TYR C 309 15.16 31.28 -13.04
C TYR C 309 13.72 31.24 -12.55
N GLU C 310 13.00 32.36 -12.70
CA GLU C 310 11.58 32.39 -12.39
C GLU C 310 10.79 32.01 -13.64
N LEU C 311 10.01 30.95 -13.54
CA LEU C 311 9.24 30.40 -14.67
C LEU C 311 7.76 30.45 -14.32
N SER C 312 7.02 31.33 -15.00
CA SER C 312 5.58 31.53 -14.77
C SER C 312 5.25 31.65 -13.28
N GLY C 313 6.03 32.48 -12.59
CA GLY C 313 5.78 32.77 -11.20
C GLY C 313 6.44 31.84 -10.21
N VAL C 314 7.04 30.74 -10.66
CA VAL C 314 7.69 29.77 -9.78
C VAL C 314 9.19 29.96 -9.86
N GLN C 315 9.84 30.06 -8.69
CA GLN C 315 11.29 30.19 -8.64
C GLN C 315 11.94 28.84 -8.84
N ILE C 316 12.64 28.66 -9.96
CA ILE C 316 13.47 27.48 -10.19
C ILE C 316 14.87 27.84 -9.72
N LYS C 317 15.47 26.94 -8.94
CA LYS C 317 16.77 27.21 -8.34
C LYS C 317 17.87 26.48 -9.08
N LYS C 318 19.06 27.08 -9.09
CA LYS C 318 20.20 26.48 -9.77
C LYS C 318 20.43 25.05 -9.27
N GLY C 319 20.67 24.14 -10.21
CA GLY C 319 20.86 22.75 -9.90
C GLY C 319 19.60 21.88 -9.98
N GLN C 320 18.42 22.49 -9.96
CA GLN C 320 17.19 21.73 -9.95
C GLN C 320 16.84 21.27 -11.36
N ARG C 321 16.23 20.09 -11.43
CA ARG C 321 15.75 19.55 -12.68
C ARG C 321 14.31 19.99 -12.95
N VAL C 322 14.02 20.29 -14.21
CA VAL C 322 12.65 20.51 -14.68
C VAL C 322 12.37 19.42 -15.72
N VAL C 323 11.21 18.79 -15.62
CA VAL C 323 10.84 17.72 -16.54
C VAL C 323 9.67 18.22 -17.37
N MET C 324 9.89 18.32 -18.68
CA MET C 324 8.83 18.81 -19.56
C MET C 324 7.97 17.61 -19.97
N PHE C 325 6.72 17.60 -19.52
CA PHE C 325 5.81 16.51 -19.86
C PHE C 325 5.09 16.87 -21.14
N TYR C 326 5.70 16.47 -22.26
CA TYR C 326 5.08 16.66 -23.55
C TYR C 326 3.69 16.04 -23.60
N ARG C 327 3.49 14.92 -22.91
CA ARG C 327 2.18 14.27 -22.88
C ARG C 327 1.13 15.20 -22.29
N SER C 328 1.51 16.01 -21.30
CA SER C 328 0.60 17.01 -20.76
C SER C 328 0.46 18.19 -21.72
N ALA C 329 1.59 18.74 -22.17
CA ALA C 329 1.55 19.94 -23.00
C ALA C 329 0.74 19.71 -24.26
N ASN C 330 0.80 18.49 -24.81
CA ASN C 330 0.10 18.28 -26.07
C ASN C 330 -1.40 18.20 -25.90
N PHE C 331 -1.89 18.31 -24.67
CA PHE C 331 -3.31 18.32 -24.37
C PHE C 331 -3.66 19.53 -23.52
N ASP C 332 -2.88 20.59 -23.66
CA ASP C 332 -3.08 21.85 -22.93
C ASP C 332 -4.35 22.52 -23.44
N GLU C 333 -5.35 22.61 -22.56
CA GLU C 333 -6.65 23.15 -22.93
C GLU C 333 -6.60 24.63 -23.30
N GLU C 334 -5.61 25.37 -22.80
CA GLU C 334 -5.49 26.78 -23.15
C GLU C 334 -4.88 27.02 -24.53
N VAL C 335 -4.22 26.03 -25.11
CA VAL C 335 -3.58 26.14 -26.43
C VAL C 335 -4.45 25.51 -27.52
N PHE C 336 -4.94 24.30 -27.26
CA PHE C 336 -5.89 23.63 -28.12
C PHE C 336 -7.30 23.87 -27.58
N GLN C 337 -8.24 24.20 -28.46
CA GLN C 337 -9.60 24.37 -27.98
C GLN C 337 -10.19 23.02 -27.57
N ASP C 338 -9.86 21.97 -28.32
CA ASP C 338 -10.43 20.64 -28.14
C ASP C 338 -9.30 19.60 -28.10
N PRO C 339 -8.44 19.65 -27.09
CA PRO C 339 -7.29 18.76 -27.07
C PRO C 339 -7.64 17.28 -27.12
N PHE C 340 -8.75 16.87 -26.52
CA PHE C 340 -9.09 15.46 -26.51
C PHE C 340 -9.82 15.02 -27.78
N THR C 341 -9.97 15.91 -28.76
CA THR C 341 -10.48 15.55 -30.08
C THR C 341 -9.30 15.17 -30.97
N PHE C 342 -9.37 13.97 -31.57
CA PHE C 342 -8.40 13.52 -32.56
C PHE C 342 -8.88 14.05 -33.91
N ASN C 343 -8.18 15.06 -34.44
CA ASN C 343 -8.60 15.78 -35.64
C ASN C 343 -7.42 15.78 -36.62
N ILE C 344 -7.46 14.90 -37.62
CA ILE C 344 -6.33 14.81 -38.56
C ILE C 344 -6.24 16.00 -39.49
N LEU C 345 -7.19 16.93 -39.46
CA LEU C 345 -7.07 18.18 -40.19
C LEU C 345 -6.64 19.34 -39.28
N ARG C 346 -6.21 19.05 -38.05
CA ARG C 346 -5.85 20.12 -37.13
C ARG C 346 -4.78 21.02 -37.73
N ASN C 347 -5.05 22.32 -37.74
CA ASN C 347 -4.20 23.27 -38.46
C ASN C 347 -4.61 24.68 -38.04
N PRO C 348 -3.75 25.43 -37.34
CA PRO C 348 -2.39 25.10 -36.91
C PRO C 348 -2.35 24.01 -35.85
N ASN C 349 -1.18 23.39 -35.69
CA ASN C 349 -1.00 22.31 -34.73
C ASN C 349 0.32 22.54 -34.02
N PRO C 350 0.32 23.32 -32.95
CA PRO C 350 1.58 23.67 -32.29
C PRO C 350 2.05 22.63 -31.28
N HIS C 351 1.88 21.35 -31.58
CA HIS C 351 2.18 20.31 -30.62
C HIS C 351 3.68 20.29 -30.39
N VAL C 352 4.09 19.70 -29.27
CA VAL C 352 5.51 19.63 -28.93
C VAL C 352 5.95 18.17 -28.84
N GLY C 353 5.33 17.30 -29.65
CA GLY C 353 5.76 15.92 -29.69
C GLY C 353 7.20 15.77 -30.16
N PHE C 354 7.67 16.71 -30.97
CA PHE C 354 9.06 16.76 -31.39
C PHE C 354 9.90 17.68 -30.51
N GLY C 355 9.38 18.07 -29.34
CA GLY C 355 10.07 19.00 -28.47
C GLY C 355 9.55 20.42 -28.61
N GLY C 356 9.95 21.26 -27.67
CA GLY C 356 9.77 22.69 -27.86
C GLY C 356 10.72 23.20 -28.93
N THR C 357 10.26 24.17 -29.71
CA THR C 357 11.18 24.81 -30.65
C THR C 357 12.38 25.36 -29.88
N GLY C 358 13.55 25.20 -30.48
CA GLY C 358 14.78 25.62 -29.83
C GLY C 358 15.95 24.84 -30.40
N ALA C 359 17.07 24.94 -29.66
CA ALA C 359 18.33 24.40 -30.15
C ALA C 359 18.25 22.90 -30.41
N HIS C 360 17.47 22.17 -29.61
CA HIS C 360 17.45 20.71 -29.66
C HIS C 360 16.21 20.14 -30.34
N TYR C 361 15.43 20.97 -31.04
CA TYR C 361 14.25 20.47 -31.73
C TYR C 361 14.63 19.30 -32.64
N CYS C 362 13.75 18.30 -32.66
CA CYS C 362 14.06 17.04 -33.33
C CYS C 362 14.49 17.25 -34.78
N ILE C 363 15.73 16.85 -35.10
CA ILE C 363 16.16 17.00 -36.48
C ILE C 363 15.52 15.97 -37.40
N GLY C 364 14.99 14.90 -36.83
CA GLY C 364 14.38 13.84 -37.62
C GLY C 364 12.90 14.01 -37.84
N ALA C 365 12.35 15.19 -37.52
CA ALA C 365 10.90 15.38 -37.56
C ALA C 365 10.34 15.15 -38.95
N ASN C 366 11.04 15.64 -39.99
CA ASN C 366 10.57 15.44 -41.35
C ASN C 366 10.69 13.97 -41.77
N LEU C 367 11.77 13.30 -41.36
CA LEU C 367 11.92 11.89 -41.66
C LEU C 367 10.86 11.07 -40.95
N ALA C 368 10.58 11.39 -39.69
CA ALA C 368 9.51 10.71 -38.98
C ALA C 368 8.17 10.93 -39.68
N ARG C 369 7.84 12.18 -40.03
CA ARG C 369 6.56 12.45 -40.69
C ARG C 369 6.45 11.70 -42.01
N MET C 370 7.53 11.64 -42.79
CA MET C 370 7.49 10.86 -44.02
C MET C 370 7.25 9.38 -43.73
N THR C 371 7.97 8.83 -42.75
CA THR C 371 7.79 7.44 -42.37
C THR C 371 6.35 7.17 -42.00
N ILE C 372 5.77 8.06 -41.18
CA ILE C 372 4.37 7.95 -40.77
C ILE C 372 3.46 8.02 -41.99
N ASN C 373 3.59 9.07 -42.80
CA ASN C 373 2.72 9.19 -43.96
C ASN C 373 2.79 7.96 -44.85
N LEU C 374 3.99 7.42 -45.08
CA LEU C 374 4.14 6.30 -45.98
C LEU C 374 3.48 5.04 -45.43
N ILE C 375 3.65 4.76 -44.14
CA ILE C 375 3.07 3.51 -43.63
C ILE C 375 1.55 3.63 -43.54
N PHE C 376 1.03 4.82 -43.19
CA PHE C 376 -0.43 4.91 -43.09
C PHE C 376 -1.09 4.92 -44.46
N ASN C 377 -0.44 5.51 -45.46
CA ASN C 377 -0.93 5.36 -46.81
C ASN C 377 -0.97 3.88 -47.20
N ALA C 378 0.06 3.13 -46.82
CA ALA C 378 0.11 1.70 -47.18
C ALA C 378 -0.93 0.91 -46.39
N VAL C 379 -1.12 1.23 -45.11
CA VAL C 379 -2.19 0.59 -44.35
C VAL C 379 -3.55 0.90 -44.98
N ALA C 380 -3.78 2.16 -45.36
CA ALA C 380 -5.05 2.52 -45.99
C ALA C 380 -5.27 1.76 -47.28
N ASP C 381 -4.18 1.53 -48.05
CA ASP C 381 -4.29 0.83 -49.34
C ASP C 381 -4.61 -0.65 -49.16
N HIS C 382 -4.00 -1.30 -48.16
CA HIS C 382 -4.01 -2.75 -48.10
C HIS C 382 -4.90 -3.34 -47.02
N MET C 383 -5.19 -2.59 -45.95
CA MET C 383 -6.00 -3.08 -44.83
CA MET C 383 -6.01 -3.08 -44.85
C MET C 383 -7.00 -2.01 -44.42
N PRO C 384 -7.83 -1.52 -45.36
CA PRO C 384 -8.74 -0.42 -45.00
C PRO C 384 -9.75 -0.76 -43.92
N ASP C 385 -9.99 -2.04 -43.65
CA ASP C 385 -11.00 -2.46 -42.68
C ASP C 385 -10.40 -3.07 -41.42
N LEU C 386 -9.13 -2.77 -41.15
CA LEU C 386 -8.46 -3.25 -39.94
C LEU C 386 -9.29 -2.94 -38.71
N LYS C 387 -9.27 -3.86 -37.74
CA LYS C 387 -10.00 -3.72 -36.50
C LYS C 387 -9.18 -4.36 -35.38
N PRO C 388 -9.09 -3.73 -34.21
CA PRO C 388 -8.36 -4.36 -33.09
C PRO C 388 -9.06 -5.62 -32.61
N ILE C 389 -8.25 -6.58 -32.14
CA ILE C 389 -8.76 -7.77 -31.50
C ILE C 389 -8.73 -7.65 -29.98
N SER C 390 -7.66 -7.10 -29.42
CA SER C 390 -7.50 -7.05 -27.97
C SER C 390 -6.72 -5.79 -27.59
N ALA C 391 -6.69 -5.50 -26.29
CA ALA C 391 -6.07 -4.29 -25.81
C ALA C 391 -4.56 -4.31 -26.05
N PRO C 392 -3.95 -3.16 -26.32
CA PRO C 392 -2.48 -3.11 -26.45
C PRO C 392 -1.77 -3.35 -25.12
N GLU C 393 -0.54 -3.83 -25.21
CA GLU C 393 0.34 -4.06 -24.07
C GLU C 393 1.36 -2.93 -23.98
N ARG C 394 1.34 -2.18 -22.89
CA ARG C 394 2.15 -0.97 -22.77
C ARG C 394 3.55 -1.29 -22.22
N LEU C 395 4.50 -0.42 -22.55
CA LEU C 395 5.90 -0.56 -22.14
C LEU C 395 6.17 0.04 -20.77
N ARG C 396 6.86 -0.71 -19.91
CA ARG C 396 7.28 -0.18 -18.61
C ARG C 396 8.48 0.72 -18.86
N SER C 397 8.27 2.03 -18.72
CA SER C 397 9.29 3.05 -18.90
C SER C 397 8.81 4.31 -18.20
N GLY C 398 9.73 5.06 -17.61
CA GLY C 398 9.32 6.30 -16.98
C GLY C 398 9.33 7.53 -17.87
N TRP C 399 9.58 7.38 -19.17
CA TRP C 399 9.77 8.53 -20.05
C TRP C 399 9.46 8.22 -21.51
N LEU C 400 9.54 6.95 -21.91
CA LEU C 400 9.10 6.55 -23.25
C LEU C 400 7.67 6.05 -23.18
N ASN C 401 6.86 6.44 -24.17
CA ASN C 401 5.47 6.00 -24.23
C ASN C 401 5.42 4.89 -25.29
N GLY C 402 5.45 3.64 -24.86
CA GLY C 402 5.64 2.52 -25.77
C GLY C 402 4.50 1.54 -25.74
N ILE C 403 4.23 0.95 -26.90
CA ILE C 403 3.31 -0.17 -27.05
C ILE C 403 4.15 -1.38 -27.46
N LYS C 404 4.14 -2.43 -26.64
CA LYS C 404 4.92 -3.62 -26.93
C LYS C 404 4.22 -4.52 -27.94
N HIS C 405 2.91 -4.71 -27.79
CA HIS C 405 2.12 -5.62 -28.62
C HIS C 405 0.70 -5.09 -28.77
N TRP C 406 0.08 -5.42 -29.89
CA TRP C 406 -1.31 -5.04 -30.14
C TRP C 406 -1.89 -5.96 -31.21
N GLN C 407 -2.79 -6.85 -30.81
CA GLN C 407 -3.38 -7.83 -31.72
C GLN C 407 -4.52 -7.20 -32.53
N VAL C 408 -4.45 -7.31 -33.87
CA VAL C 408 -5.46 -6.73 -34.73
C VAL C 408 -5.84 -7.69 -35.85
N ASP C 409 -7.06 -7.53 -36.34
CA ASP C 409 -7.59 -8.26 -37.48
C ASP C 409 -7.40 -7.37 -38.70
N TYR C 410 -6.47 -7.73 -39.57
CA TYR C 410 -6.13 -6.81 -40.66
C TYR C 410 -7.23 -6.74 -41.69
N THR C 411 -7.97 -7.83 -41.90
CA THR C 411 -8.94 -7.91 -42.97
C THR C 411 -10.35 -7.52 -42.54
N GLY C 412 -10.62 -7.43 -41.25
CA GLY C 412 -11.99 -7.33 -40.77
C GLY C 412 -12.75 -8.63 -40.78
N ARG C 413 -12.14 -9.72 -41.29
CA ARG C 413 -12.79 -11.02 -41.35
C ARG C 413 -11.95 -12.11 -40.67
N CYS C 414 -10.96 -11.73 -39.87
CA CYS C 414 -10.15 -12.67 -39.08
C CYS C 414 -10.16 -12.24 -37.63
N PRO C 415 -11.30 -12.41 -36.92
CA PRO C 415 -11.43 -11.94 -35.53
C PRO C 415 -10.63 -12.79 -34.54
#